data_8K4R
#
_entry.id   8K4R
#
_cell.length_a   56.501
_cell.length_b   72.987
_cell.length_c   80.209
_cell.angle_alpha   94.180
_cell.angle_beta   90.870
_cell.angle_gamma   103.340
#
_symmetry.space_group_name_H-M   'P 1'
#
loop_
_entity.id
_entity.type
_entity.pdbx_description
1 polymer 'Non-ribosomal peptide synthetase'
2 polymer Acyl-carrier-protein
3 non-polymer 'SODIUM ION'
4 non-polymer '[(3~{R})-4-[[3-(6-acetamidohexylamino)-3-oxidanylidene-propyl]amino]-2,2-dimethyl-3-oxidanyl-4-oxidanylidene-butyl] dihydrogen phosphate'
5 water water
#
loop_
_entity_poly.entity_id
_entity_poly.type
_entity_poly.pdbx_seq_one_letter_code
_entity_poly.pdbx_strand_id
1 'polypeptide(L)'
;MNHKVHHHHHHIEGRHMHAADHALHARFLRGLACAPDRPAVRFGGRTLTYAQAHRTALTWAGSLLRATPEPPAAVGVLAD
KGIPAYLGILTALYAGAAVVPLRPDFPAARTAEMMRAAGVTAVIADGRGRRLLPELLADRRDTAVLAADEEGAPADESPA
DGSAPGRRVAIDEGYALTAPRDVVPDDTAYVLFTSGSTGRPKGVPLSHGNIAHYFEVLDARYDFTADDVFTQTFDLNFCC
SLFDLFCAWGAGASVIQIPPQAYRDLPSHLAEQGVTVWFSTPSSIALVRRLGGLAPGSLPTLRWSFFAGEALKCADTEDW
QRAAPASFVENLYGPTELTVTVTAHRWSPEVSPVVGANGVVPIGPLHKGLDHVLIDAGGLPHPDTGELCVTGPQMAGRYL
DPADDHGRFLDHDGRRWYRTGDRVRLAPGGELVYLGRMDAQVQIQGWRVELAEVDHALQGCEGVGEAVTVGAATDAGTEL
VVFYTAPAPVPPVRFAAVLRATLPDGVVPRHYRHVAELPLNSNRKIDRRALTARAEELLG
;
A,C
2 'polypeptide(L)'
;MGSSHHHHHHSSGLVPRGSHMWDAQFENLLRRYLPFLSADQPLEQDINLRDIGLDSLGTVELLSELENTYDVHFQDEALT
KETFETPGVLWKTLSQMVEPRH
;
B,D
#
# COMPACT_ATOMS: atom_id res chain seq x y z
N ASP A 21 -11.28 3.31 43.38
CA ASP A 21 -12.33 3.59 42.34
C ASP A 21 -11.74 4.40 41.17
N HIS A 22 -10.96 5.44 41.48
CA HIS A 22 -10.05 6.18 40.57
C HIS A 22 -8.72 5.44 40.38
N ALA A 23 -8.53 4.27 41.02
CA ALA A 23 -7.28 3.49 41.00
C ALA A 23 -7.19 2.65 39.73
N LEU A 24 -6.12 2.79 38.96
CA LEU A 24 -5.89 2.02 37.73
C LEU A 24 -6.09 0.53 38.06
N HIS A 25 -5.49 0.04 39.13
CA HIS A 25 -5.54 -1.41 39.48
C HIS A 25 -6.99 -1.82 39.80
N ALA A 26 -7.87 -0.86 40.13
CA ALA A 26 -9.31 -1.12 40.37
C ALA A 26 -9.95 -1.68 39.10
N ARG A 27 -9.52 -1.21 37.92
CA ARG A 27 -10.02 -1.73 36.62
C ARG A 27 -9.73 -3.24 36.53
N PHE A 28 -8.52 -3.69 36.92
CA PHE A 28 -8.17 -5.14 36.95
C PHE A 28 -9.05 -5.86 37.98
N LEU A 29 -9.32 -5.23 39.14
CA LEU A 29 -10.22 -5.80 40.17
C LEU A 29 -11.64 -5.94 39.62
N ARG A 30 -12.17 -4.92 38.93
CA ARG A 30 -13.48 -4.97 38.23
C ARG A 30 -13.55 -6.22 37.33
N GLY A 31 -12.51 -6.47 36.53
CA GLY A 31 -12.36 -7.68 35.71
C GLY A 31 -12.34 -8.94 36.56
N LEU A 32 -11.56 -8.95 37.63
CA LEU A 32 -11.40 -10.09 38.56
C LEU A 32 -12.76 -10.51 39.13
N ALA A 33 -13.54 -9.54 39.62
CA ALA A 33 -14.89 -9.74 40.21
C ALA A 33 -15.81 -10.33 39.15
N CYS A 34 -15.71 -9.81 37.93
CA CYS A 34 -16.59 -10.12 36.78
C CYS A 34 -16.26 -11.50 36.21
N ALA A 35 -14.98 -11.89 36.12
CA ALA A 35 -14.53 -13.01 35.27
C ALA A 35 -13.29 -13.69 35.85
N PRO A 36 -13.38 -14.24 37.09
CA PRO A 36 -12.19 -14.66 37.82
C PRO A 36 -11.39 -15.78 37.13
N ASP A 37 -12.08 -16.74 36.53
CA ASP A 37 -11.46 -17.98 35.97
C ASP A 37 -11.38 -17.90 34.44
N ARG A 38 -11.77 -16.76 33.85
CA ARG A 38 -11.53 -16.44 32.41
C ARG A 38 -10.08 -16.00 32.21
N PRO A 39 -9.50 -16.10 31.00
CA PRO A 39 -8.15 -15.58 30.76
C PRO A 39 -8.11 -14.04 30.83
N ALA A 40 -7.08 -13.49 31.45
CA ALA A 40 -6.74 -12.05 31.42
C ALA A 40 -5.64 -11.82 30.38
N VAL A 41 -4.80 -12.83 30.16
CA VAL A 41 -3.61 -12.76 29.26
C VAL A 41 -3.47 -14.14 28.59
N ARG A 42 -3.28 -14.15 27.27
CA ARG A 42 -2.76 -15.31 26.52
C ARG A 42 -1.50 -14.80 25.83
N PHE A 43 -0.36 -15.47 26.03
CA PHE A 43 0.94 -15.05 25.50
C PHE A 43 1.88 -16.25 25.46
N GLY A 44 2.54 -16.48 24.32
CA GLY A 44 3.51 -17.57 24.15
C GLY A 44 2.93 -18.95 24.42
N GLY A 45 1.62 -19.11 24.26
CA GLY A 45 0.90 -20.39 24.39
C GLY A 45 0.46 -20.66 25.82
N ARG A 46 0.70 -19.70 26.71
CA ARG A 46 0.39 -19.80 28.16
C ARG A 46 -0.85 -18.96 28.45
N THR A 47 -1.67 -19.39 29.40
CA THR A 47 -2.87 -18.67 29.86
C THR A 47 -2.69 -18.24 31.32
N LEU A 48 -3.05 -17.00 31.61
CA LEU A 48 -3.09 -16.40 32.96
C LEU A 48 -4.50 -15.87 33.20
N THR A 49 -5.23 -16.50 34.12
CA THR A 49 -6.61 -16.10 34.50
C THR A 49 -6.51 -14.88 35.40
N TYR A 50 -7.60 -14.17 35.62
CA TYR A 50 -7.66 -13.03 36.55
C TYR A 50 -7.23 -13.49 37.95
N ALA A 51 -7.71 -14.67 38.40
CA ALA A 51 -7.44 -15.28 39.73
C ALA A 51 -5.94 -15.54 39.88
N GLN A 52 -5.33 -16.20 38.89
CA GLN A 52 -3.87 -16.51 38.85
C GLN A 52 -3.08 -15.20 38.93
N ALA A 53 -3.47 -14.18 38.16
CA ALA A 53 -2.75 -12.89 38.05
C ALA A 53 -2.89 -12.14 39.37
N HIS A 54 -4.08 -12.14 39.96
CA HIS A 54 -4.37 -11.48 41.26
C HIS A 54 -3.46 -12.06 42.35
N ARG A 55 -3.45 -13.38 42.51
CA ARG A 55 -2.74 -14.10 43.60
C ARG A 55 -1.22 -13.85 43.46
N THR A 56 -0.70 -13.81 42.22
CA THR A 56 0.73 -13.55 41.93
C THR A 56 1.07 -12.09 42.21
N ALA A 57 0.25 -11.13 41.77
CA ALA A 57 0.44 -9.68 42.01
C ALA A 57 0.44 -9.38 43.52
N LEU A 58 -0.40 -10.06 44.30
CA LEU A 58 -0.46 -9.89 45.78
C LEU A 58 0.84 -10.40 46.39
N THR A 59 1.25 -11.62 46.03
CA THR A 59 2.54 -12.23 46.45
C THR A 59 3.70 -11.30 46.09
N TRP A 60 3.84 -10.92 44.82
CA TRP A 60 5.01 -10.14 44.35
C TRP A 60 5.07 -8.78 45.07
N ALA A 61 3.94 -8.07 45.19
CA ALA A 61 3.90 -6.71 45.79
C ALA A 61 4.16 -6.80 47.29
N GLY A 62 3.64 -7.85 47.94
CA GLY A 62 3.90 -8.14 49.36
C GLY A 62 5.38 -8.38 49.60
N SER A 63 5.96 -9.35 48.88
CA SER A 63 7.41 -9.67 48.90
C SER A 63 8.22 -8.38 48.67
N LEU A 64 7.88 -7.61 47.64
CA LEU A 64 8.59 -6.34 47.32
C LEU A 64 8.53 -5.39 48.52
N LEU A 65 7.34 -5.13 49.07
CA LEU A 65 7.13 -4.15 50.18
C LEU A 65 7.85 -4.63 51.46
N ARG A 66 7.92 -5.95 51.67
CA ARG A 66 8.75 -6.64 52.70
C ARG A 66 10.22 -6.22 52.55
N ALA A 67 10.74 -6.17 51.33
CA ALA A 67 12.19 -6.01 51.02
C ALA A 67 12.60 -4.53 50.94
N THR A 68 11.66 -3.60 50.74
CA THR A 68 11.99 -2.16 50.64
C THR A 68 11.83 -1.50 52.01
N PRO A 69 12.65 -0.47 52.33
CA PRO A 69 12.50 0.25 53.60
C PRO A 69 11.19 1.06 53.61
N GLU A 70 10.83 1.65 52.47
CA GLU A 70 9.56 2.40 52.25
C GLU A 70 8.83 1.83 51.04
N PRO A 71 7.49 1.96 50.98
CA PRO A 71 6.77 1.70 49.73
C PRO A 71 7.44 2.50 48.62
N PRO A 72 7.95 1.85 47.56
CA PRO A 72 8.62 2.57 46.48
C PRO A 72 7.60 3.43 45.72
N ALA A 73 7.95 4.68 45.42
CA ALA A 73 7.15 5.63 44.60
C ALA A 73 7.13 5.18 43.12
N ALA A 74 8.17 4.49 42.65
CA ALA A 74 8.33 4.12 41.23
C ALA A 74 8.96 2.72 41.12
N VAL A 75 8.24 1.78 40.49
CA VAL A 75 8.74 0.40 40.22
C VAL A 75 8.98 0.23 38.71
N GLY A 76 10.25 -0.01 38.35
CA GLY A 76 10.67 -0.37 36.99
C GLY A 76 10.16 -1.77 36.66
N VAL A 77 9.60 -1.92 35.46
CA VAL A 77 9.24 -3.25 34.87
C VAL A 77 10.17 -3.46 33.68
N LEU A 78 11.28 -4.15 33.93
CA LEU A 78 12.36 -4.34 32.93
C LEU A 78 12.26 -5.76 32.38
N ALA A 79 11.38 -5.95 31.41
CA ALA A 79 11.05 -7.26 30.83
C ALA A 79 10.57 -7.08 29.40
N ASP A 80 10.76 -8.10 28.56
CA ASP A 80 10.12 -8.16 27.24
C ASP A 80 8.62 -8.22 27.50
N LYS A 81 7.85 -7.86 26.47
CA LYS A 81 6.39 -8.02 26.47
C LYS A 81 6.09 -9.50 26.73
N GLY A 82 5.07 -9.77 27.53
CA GLY A 82 4.75 -11.13 27.97
C GLY A 82 4.19 -11.13 29.38
N ILE A 83 4.06 -12.33 29.93
CA ILE A 83 3.34 -12.58 31.20
C ILE A 83 4.13 -11.98 32.37
N PRO A 84 5.46 -12.25 32.48
CA PRO A 84 6.27 -11.57 33.51
C PRO A 84 6.07 -10.04 33.52
N ALA A 85 5.96 -9.39 32.37
CA ALA A 85 5.81 -7.92 32.27
C ALA A 85 4.42 -7.51 32.77
N TYR A 86 3.38 -8.24 32.36
CA TYR A 86 1.98 -7.93 32.72
C TYR A 86 1.82 -8.08 34.24
N LEU A 87 2.35 -9.16 34.81
CA LEU A 87 2.36 -9.39 36.28
C LEU A 87 3.13 -8.25 36.97
N GLY A 88 4.26 -7.83 36.40
CA GLY A 88 5.06 -6.69 36.89
C GLY A 88 4.25 -5.41 36.93
N ILE A 89 3.51 -5.09 35.86
CA ILE A 89 2.65 -3.88 35.79
C ILE A 89 1.62 -3.93 36.93
N LEU A 90 0.95 -5.08 37.11
CA LEU A 90 -0.07 -5.23 38.18
C LEU A 90 0.60 -5.11 39.56
N THR A 91 1.77 -5.72 39.74
CA THR A 91 2.50 -5.74 41.01
C THR A 91 2.81 -4.30 41.42
N ALA A 92 3.27 -3.46 40.49
CA ALA A 92 3.64 -2.05 40.76
C ALA A 92 2.42 -1.26 41.24
N LEU A 93 1.29 -1.41 40.56
CA LEU A 93 0.02 -0.71 40.87
C LEU A 93 -0.47 -1.14 42.26
N TYR A 94 -0.48 -2.46 42.52
CA TYR A 94 -0.94 -3.12 43.76
C TYR A 94 -0.10 -2.64 44.95
N ALA A 95 1.20 -2.41 44.74
CA ALA A 95 2.14 -1.83 45.73
C ALA A 95 1.89 -0.33 45.91
N GLY A 96 0.92 0.24 45.17
CA GLY A 96 0.59 1.68 45.22
C GLY A 96 1.66 2.54 44.58
N ALA A 97 2.59 1.96 43.81
CA ALA A 97 3.68 2.69 43.12
C ALA A 97 3.27 3.07 41.69
N ALA A 98 4.03 3.99 41.09
CA ALA A 98 3.99 4.32 39.65
C ALA A 98 4.66 3.18 38.87
N VAL A 99 3.99 2.69 37.81
CA VAL A 99 4.59 1.73 36.83
C VAL A 99 5.55 2.53 35.95
N VAL A 100 6.79 2.08 35.81
CA VAL A 100 7.78 2.66 34.87
C VAL A 100 8.23 1.55 33.94
N PRO A 101 7.55 1.39 32.78
CA PRO A 101 7.94 0.38 31.80
C PRO A 101 9.33 0.74 31.26
N LEU A 102 10.19 -0.27 31.19
CA LEU A 102 11.59 -0.18 30.69
C LEU A 102 11.79 -1.24 29.61
N ARG A 103 12.59 -0.94 28.59
CA ARG A 103 12.76 -1.84 27.43
C ARG A 103 14.12 -2.51 27.54
N PRO A 104 14.21 -3.83 27.73
CA PRO A 104 15.51 -4.51 27.78
C PRO A 104 16.33 -4.32 26.49
N ASP A 105 15.67 -4.05 25.35
CA ASP A 105 16.31 -3.90 24.02
C ASP A 105 16.80 -2.45 23.82
N PHE A 106 16.43 -1.53 24.69
CA PHE A 106 16.92 -0.12 24.61
C PHE A 106 18.39 -0.11 24.98
N PRO A 107 19.17 0.91 24.56
CA PRO A 107 20.52 1.10 25.07
C PRO A 107 20.49 1.37 26.58
N ALA A 108 21.39 0.73 27.32
CA ALA A 108 21.55 0.83 28.80
C ALA A 108 21.50 2.29 29.26
N ALA A 109 22.21 3.19 28.58
CA ALA A 109 22.26 4.63 28.90
C ALA A 109 20.84 5.17 28.95
N ARG A 110 20.04 4.91 27.90
CA ARG A 110 18.64 5.40 27.83
C ARG A 110 17.88 4.83 29.03
N THR A 111 17.98 3.53 29.28
CA THR A 111 17.25 2.84 30.38
C THR A 111 17.68 3.46 31.72
N ALA A 112 18.97 3.69 31.93
CA ALA A 112 19.54 4.27 33.19
C ALA A 112 18.95 5.66 33.42
N GLU A 113 18.85 6.47 32.35
CA GLU A 113 18.30 7.84 32.41
C GLU A 113 16.83 7.79 32.82
N MET A 114 16.09 6.78 32.35
CA MET A 114 14.63 6.63 32.62
C MET A 114 14.46 6.24 34.10
N MET A 115 15.22 5.26 34.57
CA MET A 115 15.22 4.82 36.00
C MET A 115 15.63 5.99 36.92
N ARG A 116 16.67 6.75 36.56
CA ARG A 116 17.13 7.95 37.31
C ARG A 116 16.00 8.98 37.40
N ALA A 117 15.52 9.46 36.25
CA ALA A 117 14.49 10.53 36.13
C ALA A 117 13.23 10.15 36.92
N ALA A 118 12.82 8.88 36.84
CA ALA A 118 11.57 8.36 37.44
C ALA A 118 11.79 8.00 38.90
N GLY A 119 13.00 8.16 39.43
CA GLY A 119 13.34 7.80 40.82
C GLY A 119 12.92 6.38 41.13
N VAL A 120 13.27 5.43 40.25
CA VAL A 120 12.96 3.98 40.42
C VAL A 120 13.83 3.41 41.54
N THR A 121 13.22 2.87 42.61
CA THR A 121 13.93 2.26 43.77
C THR A 121 13.76 0.74 43.78
N ALA A 122 12.98 0.19 42.85
CA ALA A 122 12.72 -1.27 42.72
C ALA A 122 12.45 -1.66 41.26
N VAL A 123 12.99 -2.80 40.82
CA VAL A 123 12.88 -3.32 39.44
C VAL A 123 12.29 -4.73 39.46
N ILE A 124 11.18 -4.93 38.74
CA ILE A 124 10.68 -6.27 38.33
C ILE A 124 11.27 -6.57 36.95
N ALA A 125 12.06 -7.66 36.84
CA ALA A 125 12.89 -7.98 35.67
C ALA A 125 12.73 -9.46 35.31
N ASP A 126 12.56 -9.74 34.00
CA ASP A 126 12.64 -11.10 33.43
C ASP A 126 14.12 -11.46 33.20
N GLY A 127 14.37 -12.63 32.60
CA GLY A 127 15.71 -13.15 32.28
C GLY A 127 16.57 -12.07 31.64
N ARG A 128 16.08 -11.49 30.56
CA ARG A 128 16.83 -10.53 29.73
C ARG A 128 17.06 -9.23 30.52
N GLY A 129 16.05 -8.78 31.25
CA GLY A 129 16.17 -7.62 32.15
C GLY A 129 17.32 -7.80 33.13
N ARG A 130 17.43 -8.98 33.74
CA ARG A 130 18.40 -9.28 34.84
C ARG A 130 19.84 -9.19 34.32
N ARG A 131 20.08 -9.56 33.06
CA ARG A 131 21.43 -9.50 32.44
C ARG A 131 21.91 -8.03 32.36
N LEU A 132 20.99 -7.07 32.30
CA LEU A 132 21.34 -5.63 32.14
C LEU A 132 21.59 -4.97 33.51
N LEU A 133 21.18 -5.62 34.61
CA LEU A 133 21.13 -4.97 35.95
C LEU A 133 22.53 -4.68 36.46
N PRO A 134 23.53 -5.60 36.30
CA PRO A 134 24.90 -5.30 36.71
C PRO A 134 25.33 -3.92 36.20
N GLU A 135 25.01 -3.58 34.95
CA GLU A 135 25.41 -2.26 34.38
C GLU A 135 24.48 -1.16 34.92
N LEU A 136 23.17 -1.40 34.89
CA LEU A 136 22.12 -0.38 35.22
C LEU A 136 22.16 0.03 36.70
N LEU A 137 22.48 -0.90 37.60
CA LEU A 137 22.44 -0.67 39.06
C LEU A 137 23.85 -0.44 39.62
N ALA A 138 24.86 -0.25 38.76
CA ALA A 138 26.28 -0.10 39.14
C ALA A 138 26.42 0.84 40.34
N ASP A 139 25.82 2.03 40.29
CA ASP A 139 25.69 2.93 41.47
C ASP A 139 24.23 3.34 41.64
N ARG A 140 23.35 2.34 41.67
CA ARG A 140 22.03 2.32 42.33
C ARG A 140 21.92 0.94 43.01
N ARG A 141 22.95 0.57 43.78
CA ARG A 141 23.16 -0.79 44.35
C ARG A 141 22.03 -1.11 45.35
N ASP A 142 21.40 -0.07 45.92
CA ASP A 142 20.22 -0.12 46.81
C ASP A 142 19.05 -0.91 46.19
N THR A 143 18.87 -0.80 44.88
CA THR A 143 17.62 -1.15 44.16
C THR A 143 17.19 -2.59 44.50
N ALA A 144 15.96 -2.76 44.97
CA ALA A 144 15.30 -4.07 45.10
C ALA A 144 15.04 -4.65 43.70
N VAL A 145 15.31 -5.95 43.54
CA VAL A 145 15.20 -6.69 42.27
C VAL A 145 14.36 -7.94 42.51
N LEU A 146 13.18 -7.99 41.89
CA LEU A 146 12.26 -9.15 41.91
C LEU A 146 12.37 -9.86 40.55
N ALA A 147 12.80 -11.13 40.57
CA ALA A 147 12.94 -12.01 39.38
C ALA A 147 11.57 -12.49 38.95
N ALA A 148 11.19 -12.28 37.69
CA ALA A 148 9.83 -12.55 37.16
C ALA A 148 9.72 -13.98 36.60
N ASP A 149 10.80 -14.76 36.57
CA ASP A 149 10.81 -16.14 36.01
C ASP A 149 11.14 -17.13 37.14
N ALA A 164 27.80 -7.75 43.09
CA ALA A 164 26.51 -8.43 42.84
C ALA A 164 25.37 -7.42 42.95
N PRO A 165 25.30 -6.38 42.08
CA PRO A 165 24.44 -5.20 42.30
C PRO A 165 22.94 -5.52 42.41
N GLY A 166 22.17 -4.64 43.04
CA GLY A 166 20.75 -4.84 43.39
C GLY A 166 20.59 -5.70 44.63
N ARG A 167 19.40 -5.65 45.25
CA ARG A 167 19.03 -6.42 46.47
C ARG A 167 17.92 -7.41 46.08
N ARG A 168 18.24 -8.71 46.05
CA ARG A 168 17.31 -9.76 45.55
C ARG A 168 16.11 -9.85 46.50
N VAL A 169 14.90 -9.66 45.97
CA VAL A 169 13.61 -9.82 46.71
C VAL A 169 13.31 -11.31 46.88
N ALA A 170 13.14 -11.78 48.11
CA ALA A 170 12.67 -13.14 48.41
C ALA A 170 11.15 -13.15 48.20
N ILE A 171 10.70 -14.01 47.31
CA ILE A 171 9.27 -14.10 46.91
C ILE A 171 8.66 -15.30 47.64
N ASP A 172 7.58 -15.07 48.37
CA ASP A 172 6.92 -16.09 49.21
C ASP A 172 5.46 -15.66 49.37
N GLU A 173 4.51 -16.60 49.28
CA GLU A 173 3.06 -16.34 49.48
C GLU A 173 2.84 -15.87 50.93
N GLY A 174 3.74 -16.24 51.84
CA GLY A 174 3.75 -15.78 53.23
C GLY A 174 3.88 -14.27 53.35
N TYR A 175 4.52 -13.60 52.38
CA TYR A 175 4.76 -12.13 52.39
C TYR A 175 3.66 -11.36 51.64
N ALA A 176 2.69 -12.08 51.04
CA ALA A 176 1.64 -11.54 50.14
C ALA A 176 0.91 -10.38 50.82
N LEU A 177 0.56 -9.34 50.07
CA LEU A 177 -0.59 -8.47 50.46
C LEU A 177 -1.83 -9.35 50.48
N THR A 178 -2.74 -9.14 51.42
CA THR A 178 -4.10 -9.73 51.41
C THR A 178 -4.96 -8.90 50.45
N ALA A 179 -4.79 -7.57 50.41
CA ALA A 179 -5.47 -6.69 49.44
C ALA A 179 -4.48 -5.69 48.83
N PRO A 180 -4.77 -5.14 47.62
CA PRO A 180 -3.92 -4.13 47.01
C PRO A 180 -3.95 -2.84 47.82
N ARG A 181 -2.84 -2.11 47.88
CA ARG A 181 -2.76 -0.76 48.51
C ARG A 181 -3.71 0.20 47.78
N ASP A 182 -4.44 1.04 48.52
CA ASP A 182 -5.23 2.16 47.92
C ASP A 182 -4.26 3.27 47.53
N VAL A 183 -4.76 4.28 46.80
CA VAL A 183 -3.99 5.44 46.26
C VAL A 183 -4.96 6.63 46.23
N VAL A 184 -4.44 7.87 46.16
CA VAL A 184 -5.26 9.11 45.94
C VAL A 184 -5.21 9.48 44.46
N PRO A 185 -6.13 10.32 43.93
CA PRO A 185 -6.13 10.63 42.51
C PRO A 185 -4.82 11.25 41.99
N ASP A 186 -4.04 11.90 42.84
CA ASP A 186 -2.81 12.66 42.46
C ASP A 186 -1.56 11.77 42.52
N ASP A 187 -1.69 10.54 43.04
CA ASP A 187 -0.60 9.54 43.00
C ASP A 187 -0.24 9.23 41.54
N THR A 188 1.04 9.17 41.22
CA THR A 188 1.56 8.81 39.87
C THR A 188 1.33 7.31 39.67
N ALA A 189 0.57 6.93 38.65
CA ALA A 189 0.23 5.53 38.29
C ALA A 189 1.20 5.01 37.23
N TYR A 190 1.66 5.88 36.34
CA TYR A 190 2.53 5.51 35.19
C TYR A 190 3.55 6.62 34.97
N VAL A 191 4.78 6.26 34.64
CA VAL A 191 5.78 7.20 34.04
C VAL A 191 6.20 6.68 32.65
N LEU A 192 6.00 7.53 31.64
CA LEU A 192 6.29 7.26 30.20
C LEU A 192 7.15 8.38 29.64
N PHE A 193 8.06 8.06 28.74
CA PHE A 193 9.05 9.03 28.21
C PHE A 193 8.72 9.35 26.76
N THR A 194 8.86 10.63 26.42
CA THR A 194 8.76 11.20 25.06
C THR A 194 10.13 11.81 24.69
N SER A 195 10.35 12.10 23.40
CA SER A 195 11.66 12.53 22.86
C SER A 195 12.04 13.92 23.41
N GLY A 196 13.33 14.12 23.73
CA GLY A 196 13.90 15.40 24.21
C GLY A 196 14.92 15.97 23.24
N SER A 197 14.99 17.30 23.13
CA SER A 197 15.82 18.06 22.17
C SER A 197 17.31 18.02 22.55
N THR A 198 17.66 17.66 23.78
CA THR A 198 19.06 17.53 24.29
C THR A 198 19.45 16.04 24.37
N GLY A 199 18.64 15.15 23.78
CA GLY A 199 18.85 13.69 23.78
C GLY A 199 18.16 13.03 24.96
N ARG A 200 18.30 13.63 26.15
CA ARG A 200 17.60 13.23 27.40
C ARG A 200 16.09 13.23 27.17
N PRO A 201 15.40 12.09 27.42
CA PRO A 201 13.96 12.01 27.21
C PRO A 201 13.20 12.78 28.29
N LYS A 202 12.03 13.31 27.95
CA LYS A 202 11.09 13.99 28.88
C LYS A 202 10.23 12.92 29.56
N GLY A 203 10.10 12.98 30.89
CA GLY A 203 9.30 12.02 31.68
C GLY A 203 7.92 12.59 31.97
N VAL A 204 6.87 11.81 31.70
CA VAL A 204 5.45 12.23 31.91
C VAL A 204 4.87 11.38 33.04
N PRO A 205 4.58 11.98 34.21
CA PRO A 205 3.93 11.26 35.29
C PRO A 205 2.42 11.28 35.00
N LEU A 206 1.79 10.14 34.77
CA LEU A 206 0.31 10.07 34.65
C LEU A 206 -0.24 9.66 36.02
N SER A 207 -1.11 10.48 36.59
CA SER A 207 -1.77 10.20 37.88
C SER A 207 -2.90 9.18 37.65
N HIS A 208 -3.29 8.43 38.67
CA HIS A 208 -4.46 7.53 38.65
C HIS A 208 -5.68 8.32 38.16
N GLY A 209 -5.78 9.60 38.56
CA GLY A 209 -6.86 10.52 38.21
C GLY A 209 -6.84 10.84 36.72
N ASN A 210 -5.67 11.13 36.17
CA ASN A 210 -5.47 11.36 34.72
C ASN A 210 -6.12 10.21 33.96
N ILE A 211 -5.74 8.98 34.32
CA ILE A 211 -6.08 7.72 33.61
C ILE A 211 -7.55 7.37 33.87
N ALA A 212 -8.07 7.65 35.07
CA ALA A 212 -9.47 7.36 35.42
C ALA A 212 -10.40 8.21 34.53
N HIS A 213 -10.06 9.47 34.28
CA HIS A 213 -10.88 10.35 33.39
C HIS A 213 -10.90 9.76 31.97
N TYR A 214 -9.75 9.26 31.52
CA TYR A 214 -9.59 8.61 30.19
C TYR A 214 -10.56 7.44 30.07
N PHE A 215 -10.53 6.52 31.04
CA PHE A 215 -11.31 5.25 30.98
C PHE A 215 -12.79 5.49 31.27
N GLU A 216 -13.15 6.62 31.87
CA GLU A 216 -14.58 6.98 32.04
C GLU A 216 -15.16 7.29 30.65
N VAL A 217 -14.41 8.04 29.85
CA VAL A 217 -14.78 8.41 28.47
C VAL A 217 -14.87 7.14 27.61
N LEU A 218 -13.90 6.22 27.71
CA LEU A 218 -13.85 4.98 26.88
C LEU A 218 -14.90 3.99 27.39
N ASP A 219 -15.11 3.89 28.71
CA ASP A 219 -16.09 2.96 29.32
C ASP A 219 -17.50 3.29 28.81
N ALA A 220 -17.79 4.59 28.63
CA ALA A 220 -19.09 5.14 28.17
C ALA A 220 -19.27 4.98 26.65
N ARG A 221 -18.20 5.17 25.87
CA ARG A 221 -18.21 5.18 24.39
C ARG A 221 -18.30 3.75 23.82
N TYR A 222 -17.65 2.76 24.43
CA TYR A 222 -17.48 1.40 23.88
C TYR A 222 -18.29 0.41 24.72
N ASP A 223 -18.36 -0.84 24.27
CA ASP A 223 -19.29 -1.86 24.81
C ASP A 223 -18.54 -3.16 25.09
N PHE A 224 -17.32 -3.10 25.59
CA PHE A 224 -16.47 -4.30 25.79
C PHE A 224 -17.06 -5.15 26.91
N THR A 225 -16.99 -6.46 26.74
CA THR A 225 -17.46 -7.51 27.67
C THR A 225 -16.30 -8.49 27.88
N ALA A 226 -16.46 -9.40 28.83
CA ALA A 226 -15.44 -10.40 29.22
C ALA A 226 -15.26 -11.44 28.09
N ASP A 227 -16.08 -11.40 27.05
CA ASP A 227 -16.00 -12.33 25.87
C ASP A 227 -14.99 -11.78 24.87
N ASP A 228 -14.71 -10.48 24.90
CA ASP A 228 -13.79 -9.81 23.95
C ASP A 228 -12.36 -10.33 24.13
N VAL A 229 -11.64 -10.39 23.01
CA VAL A 229 -10.19 -10.75 22.95
C VAL A 229 -9.49 -9.58 22.25
N PHE A 230 -8.66 -8.82 22.99
CA PHE A 230 -7.96 -7.61 22.50
C PHE A 230 -6.54 -7.99 22.10
N THR A 231 -6.06 -7.37 21.01
CA THR A 231 -4.65 -7.45 20.57
C THR A 231 -3.79 -6.71 21.61
N GLN A 232 -2.52 -7.08 21.72
CA GLN A 232 -1.53 -6.32 22.53
C GLN A 232 -0.32 -6.04 21.63
N THR A 233 -0.50 -5.16 20.64
CA THR A 233 0.55 -4.81 19.64
C THR A 233 1.48 -3.72 20.17
N PHE A 234 1.00 -2.80 21.00
CA PHE A 234 1.82 -1.67 21.52
C PHE A 234 2.81 -2.19 22.56
N ASP A 235 4.08 -1.81 22.39
CA ASP A 235 5.16 -2.05 23.38
C ASP A 235 4.81 -1.24 24.64
N LEU A 236 5.19 -1.77 25.79
CA LEU A 236 4.71 -1.35 27.13
C LEU A 236 5.30 0.00 27.54
N ASN A 237 6.35 0.48 26.87
CA ASN A 237 6.87 1.86 27.09
C ASN A 237 6.04 2.90 26.35
N PHE A 238 4.99 2.51 25.62
CA PHE A 238 4.15 3.44 24.82
C PHE A 238 2.76 3.58 25.46
N CYS A 239 2.22 4.81 25.47
CA CYS A 239 0.93 5.18 26.12
C CYS A 239 -0.21 4.26 25.62
N CYS A 240 -0.23 3.90 24.35
CA CYS A 240 -1.36 3.14 23.75
C CYS A 240 -1.46 1.72 24.30
N SER A 241 -0.39 1.18 24.91
CA SER A 241 -0.43 -0.13 25.61
C SER A 241 -1.44 -0.09 26.77
N LEU A 242 -1.69 1.08 27.38
CA LEU A 242 -2.70 1.25 28.47
C LEU A 242 -4.09 0.85 27.95
N PHE A 243 -4.43 1.28 26.74
CA PHE A 243 -5.69 0.91 26.04
C PHE A 243 -5.76 -0.61 25.98
N ASP A 244 -4.76 -1.26 25.40
CA ASP A 244 -4.75 -2.73 25.23
C ASP A 244 -5.04 -3.38 26.59
N LEU A 245 -4.27 -3.02 27.62
CA LEU A 245 -4.30 -3.75 28.92
C LEU A 245 -5.57 -3.40 29.70
N PHE A 246 -5.93 -2.11 29.77
CA PHE A 246 -6.92 -1.63 30.77
C PHE A 246 -8.31 -1.47 30.15
N CYS A 247 -8.47 -1.45 28.83
CA CYS A 247 -9.82 -1.68 28.22
C CYS A 247 -10.17 -3.16 28.39
N ALA A 248 -9.19 -4.06 28.18
CA ALA A 248 -9.38 -5.52 28.34
C ALA A 248 -9.72 -5.82 29.80
N TRP A 249 -8.82 -5.44 30.71
CA TRP A 249 -8.84 -5.87 32.13
C TRP A 249 -10.06 -5.28 32.85
N GLY A 250 -10.34 -3.98 32.64
CA GLY A 250 -11.55 -3.29 33.10
C GLY A 250 -12.85 -4.02 32.76
N ALA A 251 -12.84 -4.84 31.71
CA ALA A 251 -14.04 -5.48 31.12
C ALA A 251 -14.07 -6.98 31.42
N GLY A 252 -13.02 -7.56 32.00
CA GLY A 252 -12.91 -9.02 32.15
C GLY A 252 -12.50 -9.72 30.86
N ALA A 253 -12.07 -8.97 29.85
CA ALA A 253 -11.63 -9.52 28.54
C ALA A 253 -10.21 -10.10 28.70
N SER A 254 -9.63 -10.57 27.61
CA SER A 254 -8.22 -11.03 27.57
C SER A 254 -7.44 -10.20 26.54
N VAL A 255 -6.18 -9.86 26.83
CA VAL A 255 -5.19 -9.38 25.83
C VAL A 255 -4.41 -10.59 25.35
N ILE A 256 -4.12 -10.64 24.05
CA ILE A 256 -3.45 -11.79 23.38
C ILE A 256 -2.21 -11.28 22.65
N GLN A 257 -1.19 -12.12 22.60
CA GLN A 257 0.02 -11.92 21.77
C GLN A 257 -0.39 -11.92 20.29
N ILE A 258 -0.04 -10.84 19.59
CA ILE A 258 0.02 -10.86 18.10
C ILE A 258 1.49 -10.94 17.73
N PRO A 259 2.04 -12.18 17.58
CA PRO A 259 3.47 -12.37 17.35
C PRO A 259 3.87 -12.09 15.91
N PRO A 260 5.18 -11.88 15.63
CA PRO A 260 5.65 -11.42 14.32
C PRO A 260 5.10 -12.23 13.15
N GLN A 261 5.03 -13.55 13.29
CA GLN A 261 4.61 -14.48 12.20
C GLN A 261 3.09 -14.37 11.94
N ALA A 262 2.28 -13.88 12.86
CA ALA A 262 0.84 -13.70 12.60
C ALA A 262 0.66 -12.72 11.43
N TYR A 263 1.58 -11.78 11.26
CA TYR A 263 1.45 -10.67 10.27
C TYR A 263 1.48 -11.22 8.83
N ARG A 264 1.97 -12.43 8.60
CA ARG A 264 1.99 -13.03 7.24
C ARG A 264 0.86 -14.04 7.08
N ASP A 265 -0.02 -14.19 8.08
CA ASP A 265 -1.29 -14.94 7.96
C ASP A 265 -2.28 -14.46 9.06
N LEU A 266 -2.67 -13.20 9.01
CA LEU A 266 -3.49 -12.55 10.07
C LEU A 266 -4.88 -13.17 10.14
N PRO A 267 -5.60 -13.41 9.01
CA PRO A 267 -6.88 -14.11 9.04
C PRO A 267 -6.87 -15.39 9.88
N SER A 268 -5.91 -16.31 9.65
CA SER A 268 -5.78 -17.58 10.43
C SER A 268 -5.54 -17.26 11.92
N HIS A 269 -4.68 -16.30 12.23
CA HIS A 269 -4.33 -15.99 13.64
C HIS A 269 -5.56 -15.39 14.33
N LEU A 270 -6.23 -14.41 13.71
CA LEU A 270 -7.40 -13.75 14.34
C LEU A 270 -8.52 -14.78 14.54
N ALA A 271 -8.72 -15.67 13.55
CA ALA A 271 -9.78 -16.71 13.58
C ALA A 271 -9.47 -17.75 14.65
N GLU A 272 -8.29 -18.36 14.63
CA GLU A 272 -7.86 -19.36 15.65
C GLU A 272 -8.05 -18.80 17.06
N GLN A 273 -7.72 -17.53 17.30
CA GLN A 273 -7.62 -16.97 18.68
C GLN A 273 -8.91 -16.22 19.04
N GLY A 274 -9.85 -16.06 18.12
CA GLY A 274 -11.15 -15.40 18.35
C GLY A 274 -10.95 -13.94 18.74
N VAL A 275 -10.01 -13.26 18.10
CA VAL A 275 -9.72 -11.83 18.41
C VAL A 275 -10.94 -10.99 17.98
N THR A 276 -11.37 -10.03 18.80
CA THR A 276 -12.55 -9.18 18.49
C THR A 276 -12.19 -7.69 18.52
N VAL A 277 -11.04 -7.33 19.06
CA VAL A 277 -10.59 -5.91 19.10
C VAL A 277 -9.15 -5.80 18.59
N TRP A 278 -8.98 -5.06 17.49
CA TRP A 278 -7.68 -4.72 16.86
C TRP A 278 -7.32 -3.29 17.30
N PHE A 279 -6.10 -3.10 17.80
CA PHE A 279 -5.49 -1.77 17.97
C PHE A 279 -4.03 -1.87 17.49
N SER A 280 -3.64 -1.00 16.57
CA SER A 280 -2.24 -0.85 16.13
C SER A 280 -2.04 0.55 15.55
N THR A 281 -0.85 0.80 15.02
CA THR A 281 -0.50 1.94 14.14
C THR A 281 -1.07 1.66 12.76
N PRO A 282 -1.36 2.70 11.95
CA PRO A 282 -1.76 2.51 10.56
C PRO A 282 -0.79 1.66 9.72
N SER A 283 0.53 1.77 9.94
CA SER A 283 1.61 1.00 9.25
C SER A 283 1.19 -0.46 9.09
N SER A 284 0.52 -1.04 10.09
CA SER A 284 0.27 -2.50 10.13
C SER A 284 -0.67 -2.89 8.99
N ILE A 285 -1.53 -1.96 8.53
CA ILE A 285 -2.50 -2.13 7.42
C ILE A 285 -1.71 -2.49 6.15
N ALA A 286 -0.86 -1.60 5.66
CA ALA A 286 0.05 -1.84 4.50
C ALA A 286 0.86 -3.13 4.70
N LEU A 287 1.33 -3.40 5.92
CA LEU A 287 2.13 -4.63 6.17
C LEU A 287 1.27 -5.86 5.91
N VAL A 288 0.10 -5.94 6.52
CA VAL A 288 -0.79 -7.12 6.46
C VAL A 288 -1.28 -7.31 5.01
N ARG A 289 -1.61 -6.22 4.32
CA ARG A 289 -2.08 -6.25 2.93
C ARG A 289 -0.97 -6.86 2.06
N ARG A 290 0.25 -6.34 2.14
CA ARG A 290 1.40 -6.84 1.34
C ARG A 290 1.59 -8.35 1.56
N LEU A 291 1.52 -8.87 2.79
CA LEU A 291 2.02 -10.24 3.10
C LEU A 291 0.95 -11.32 2.93
N GLY A 292 -0.30 -11.03 3.23
CA GLY A 292 -1.37 -12.04 3.30
C GLY A 292 -2.63 -11.52 2.64
N GLY A 293 -2.53 -10.35 2.02
CA GLY A 293 -3.69 -9.55 1.60
C GLY A 293 -4.46 -9.05 2.79
N LEU A 294 -5.29 -8.06 2.51
CA LEU A 294 -6.45 -7.63 3.31
C LEU A 294 -7.66 -7.90 2.44
N ALA A 295 -7.84 -9.17 2.06
CA ALA A 295 -8.88 -9.58 1.08
C ALA A 295 -10.23 -9.29 1.74
N PRO A 296 -11.23 -8.73 1.03
CA PRO A 296 -12.50 -8.38 1.67
C PRO A 296 -13.11 -9.60 2.36
N GLY A 297 -13.60 -9.43 3.57
CA GLY A 297 -14.33 -10.45 4.34
C GLY A 297 -13.39 -11.46 4.98
N SER A 298 -12.08 -11.16 5.04
CA SER A 298 -11.02 -12.10 5.52
C SER A 298 -10.87 -12.03 7.03
N LEU A 299 -11.36 -10.97 7.68
CA LEU A 299 -11.24 -10.73 9.15
C LEU A 299 -12.63 -10.62 9.81
N PRO A 300 -13.47 -11.67 9.77
CA PRO A 300 -14.84 -11.56 10.24
C PRO A 300 -14.99 -11.51 11.77
N THR A 301 -14.01 -11.98 12.52
CA THR A 301 -14.10 -12.03 14.01
C THR A 301 -14.04 -10.63 14.61
N LEU A 302 -13.46 -9.64 13.92
CA LEU A 302 -13.22 -8.29 14.51
C LEU A 302 -14.56 -7.55 14.70
N ARG A 303 -14.80 -6.95 15.88
CA ARG A 303 -15.95 -6.04 16.17
C ARG A 303 -15.46 -4.58 16.27
N TRP A 304 -14.20 -4.38 16.67
CA TRP A 304 -13.60 -3.03 16.82
C TRP A 304 -12.20 -3.04 16.21
N SER A 305 -11.90 -2.03 15.41
CA SER A 305 -10.58 -1.82 14.76
C SER A 305 -10.13 -0.40 15.08
N PHE A 306 -9.05 -0.26 15.86
CA PHE A 306 -8.57 1.06 16.35
C PHE A 306 -7.20 1.33 15.72
N PHE A 307 -6.98 2.56 15.24
CA PHE A 307 -5.68 3.01 14.72
C PHE A 307 -5.29 4.31 15.42
N ALA A 308 -4.01 4.43 15.78
CA ALA A 308 -3.44 5.67 16.35
C ALA A 308 -1.95 5.75 16.01
N GLY A 309 -1.41 6.97 15.90
CA GLY A 309 0.02 7.24 16.07
C GLY A 309 0.68 7.73 14.80
N GLU A 310 -0.03 7.65 13.68
CA GLU A 310 0.43 8.19 12.37
C GLU A 310 -0.82 8.66 11.65
N ALA A 311 -0.68 9.52 10.64
CA ALA A 311 -1.75 9.87 9.69
C ALA A 311 -2.35 8.57 9.17
N LEU A 312 -3.67 8.39 9.31
CA LEU A 312 -4.39 7.21 8.77
C LEU A 312 -4.97 7.61 7.41
N LYS A 313 -4.63 6.86 6.36
CA LYS A 313 -5.10 7.15 4.98
C LYS A 313 -6.46 6.51 4.76
N CYS A 314 -7.37 7.25 4.10
CA CYS A 314 -8.74 6.80 3.74
C CYS A 314 -8.68 5.47 2.97
N ALA A 315 -7.77 5.33 2.00
CA ALA A 315 -7.62 4.14 1.11
C ALA A 315 -7.24 2.92 1.96
N ASP A 316 -6.33 3.10 2.94
CA ASP A 316 -5.94 2.04 3.91
C ASP A 316 -7.12 1.65 4.80
N THR A 317 -7.91 2.62 5.26
CA THR A 317 -9.02 2.37 6.22
C THR A 317 -10.11 1.56 5.50
N GLU A 318 -10.39 1.91 4.25
CA GLU A 318 -11.37 1.23 3.39
C GLU A 318 -10.97 -0.22 3.16
N ASP A 319 -9.71 -0.51 2.82
CA ASP A 319 -9.27 -1.93 2.72
C ASP A 319 -9.52 -2.61 4.05
N TRP A 320 -9.17 -1.99 5.18
CA TRP A 320 -9.33 -2.64 6.50
C TRP A 320 -10.84 -2.83 6.77
N GLN A 321 -11.69 -1.86 6.47
CA GLN A 321 -13.15 -1.99 6.73
C GLN A 321 -13.75 -3.15 5.91
N ARG A 322 -13.38 -3.25 4.63
CA ARG A 322 -13.86 -4.31 3.71
C ARG A 322 -13.29 -5.67 4.14
N ALA A 323 -12.10 -5.72 4.74
CA ALA A 323 -11.56 -7.00 5.28
C ALA A 323 -12.34 -7.39 6.54
N ALA A 324 -12.72 -6.40 7.38
CA ALA A 324 -13.38 -6.60 8.69
C ALA A 324 -14.77 -5.97 8.64
N PRO A 325 -15.70 -6.54 7.83
CA PRO A 325 -16.97 -5.88 7.55
C PRO A 325 -17.92 -5.84 8.76
N ALA A 326 -17.75 -6.74 9.73
CA ALA A 326 -18.50 -6.76 11.02
C ALA A 326 -17.90 -5.77 12.02
N SER A 327 -16.88 -5.00 11.67
CA SER A 327 -16.09 -4.19 12.64
C SER A 327 -16.47 -2.71 12.49
N PHE A 328 -16.54 -1.97 13.59
CA PHE A 328 -16.46 -0.50 13.57
C PHE A 328 -14.96 -0.16 13.51
N VAL A 329 -14.61 0.83 12.70
CA VAL A 329 -13.20 1.27 12.54
C VAL A 329 -13.09 2.68 13.12
N GLU A 330 -12.17 2.91 14.03
CA GLU A 330 -11.98 4.26 14.61
C GLU A 330 -10.50 4.67 14.55
N ASN A 331 -10.28 5.94 14.22
CA ASN A 331 -9.01 6.69 14.31
C ASN A 331 -8.90 7.35 15.71
N LEU A 332 -7.85 7.05 16.47
CA LEU A 332 -7.63 7.65 17.81
C LEU A 332 -6.33 8.46 17.75
N TYR A 333 -6.36 9.67 18.32
CA TYR A 333 -5.21 10.60 18.40
C TYR A 333 -4.99 11.05 19.85
N GLY A 334 -3.72 11.24 20.22
CA GLY A 334 -3.32 11.97 21.42
C GLY A 334 -1.86 11.74 21.78
N PRO A 335 -1.17 12.76 22.34
CA PRO A 335 0.17 12.58 22.91
C PRO A 335 0.14 12.03 24.34
N THR A 336 1.25 11.44 24.77
CA THR A 336 1.44 10.87 26.13
C THR A 336 0.98 11.88 27.19
N GLU A 337 1.23 13.17 26.96
CA GLU A 337 1.05 14.27 27.94
C GLU A 337 -0.43 14.52 28.23
N LEU A 338 -1.34 13.99 27.39
CA LEU A 338 -2.80 14.14 27.61
C LEU A 338 -3.43 12.78 27.91
N THR A 339 -2.63 11.82 28.41
CA THR A 339 -3.09 10.49 28.85
C THR A 339 -3.69 9.76 27.65
N VAL A 340 -2.83 9.20 26.81
CA VAL A 340 -3.10 8.20 25.74
C VAL A 340 -3.80 8.87 24.55
N THR A 341 -5.13 8.99 24.52
CA THR A 341 -5.86 9.61 23.38
C THR A 341 -6.85 10.66 23.91
N VAL A 342 -7.08 11.70 23.11
CA VAL A 342 -7.99 12.84 23.42
C VAL A 342 -9.04 13.00 22.32
N THR A 343 -8.95 12.26 21.20
CA THR A 343 -9.97 12.30 20.12
C THR A 343 -10.33 10.88 19.66
N ALA A 344 -11.43 10.78 18.91
CA ALA A 344 -11.90 9.53 18.28
C ALA A 344 -12.81 9.89 17.11
N HIS A 345 -12.53 9.39 15.92
CA HIS A 345 -13.37 9.55 14.69
C HIS A 345 -13.78 8.16 14.19
N ARG A 346 -15.08 7.92 14.02
CA ARG A 346 -15.62 6.67 13.42
C ARG A 346 -15.48 6.76 11.90
N TRP A 347 -14.78 5.81 11.27
CA TRP A 347 -14.67 5.71 9.80
C TRP A 347 -16.05 5.45 9.20
N SER A 348 -16.47 6.31 8.29
CA SER A 348 -17.60 6.08 7.36
C SER A 348 -17.14 6.48 5.95
N PRO A 349 -17.23 5.58 4.95
CA PRO A 349 -16.92 5.95 3.55
C PRO A 349 -17.66 7.20 3.06
N GLU A 350 -18.83 7.54 3.63
CA GLU A 350 -19.68 8.67 3.19
C GLU A 350 -19.29 9.98 3.91
N VAL A 351 -18.77 9.90 5.13
CA VAL A 351 -18.49 11.09 6.01
C VAL A 351 -16.99 11.44 6.01
N SER A 352 -16.14 10.47 6.31
CA SER A 352 -14.71 10.67 6.67
C SER A 352 -13.95 11.42 5.58
N PRO A 353 -14.07 11.07 4.28
CA PRO A 353 -13.37 11.80 3.22
C PRO A 353 -13.92 13.23 3.05
N VAL A 354 -15.18 13.44 3.44
CA VAL A 354 -15.84 14.79 3.39
C VAL A 354 -15.27 15.64 4.53
N VAL A 355 -15.32 15.15 5.76
CA VAL A 355 -14.73 15.83 6.96
C VAL A 355 -13.20 15.95 6.76
N GLY A 356 -12.55 14.86 6.35
CA GLY A 356 -11.09 14.77 6.20
C GLY A 356 -10.58 15.52 4.98
N ALA A 357 -9.26 15.71 4.91
CA ALA A 357 -8.52 16.40 3.83
C ALA A 357 -7.41 15.48 3.32
N ASN A 358 -7.09 15.59 2.03
CA ASN A 358 -5.86 15.02 1.41
C ASN A 358 -5.78 13.51 1.63
N GLY A 359 -6.93 12.83 1.66
CA GLY A 359 -7.05 11.36 1.79
C GLY A 359 -6.57 10.86 3.13
N VAL A 360 -6.53 11.74 4.15
CA VAL A 360 -6.19 11.37 5.55
C VAL A 360 -7.49 11.39 6.38
N VAL A 361 -7.71 10.34 7.18
CA VAL A 361 -8.93 10.19 8.02
C VAL A 361 -8.86 11.19 9.17
N PRO A 362 -9.96 11.90 9.51
CA PRO A 362 -9.92 12.88 10.61
C PRO A 362 -9.60 12.23 11.95
N ILE A 363 -9.22 13.03 12.95
CA ILE A 363 -8.87 12.50 14.31
C ILE A 363 -10.12 12.51 15.19
N GLY A 364 -11.08 13.39 14.90
CA GLY A 364 -12.40 13.39 15.55
C GLY A 364 -12.54 14.48 16.61
N PRO A 365 -13.68 14.53 17.32
CA PRO A 365 -13.89 15.50 18.40
C PRO A 365 -13.19 15.18 19.73
N LEU A 366 -12.74 16.24 20.42
CA LEU A 366 -12.14 16.20 21.79
C LEU A 366 -13.03 15.39 22.75
N HIS A 367 -12.40 14.59 23.60
CA HIS A 367 -13.03 13.86 24.73
C HIS A 367 -13.89 14.83 25.57
N LYS A 368 -15.12 14.40 25.91
CA LYS A 368 -16.02 15.14 26.83
C LYS A 368 -15.28 15.34 28.17
N GLY A 369 -15.28 16.57 28.67
CA GLY A 369 -14.64 16.94 29.95
C GLY A 369 -13.29 17.58 29.71
N LEU A 370 -12.75 17.49 28.49
CA LEU A 370 -11.54 18.27 28.08
C LEU A 370 -12.02 19.52 27.35
N ASP A 371 -11.14 20.51 27.19
CA ASP A 371 -11.39 21.75 26.41
C ASP A 371 -10.12 22.02 25.59
N HIS A 372 -10.30 22.63 24.42
CA HIS A 372 -9.19 22.99 23.50
C HIS A 372 -9.26 24.49 23.22
N VAL A 373 -8.12 25.10 22.96
CA VAL A 373 -7.99 26.41 22.27
C VAL A 373 -6.97 26.22 21.13
N LEU A 374 -7.23 26.80 19.96
CA LEU A 374 -6.31 26.74 18.80
C LEU A 374 -5.48 28.01 18.81
N ILE A 375 -4.16 27.87 18.94
CA ILE A 375 -3.17 28.98 18.90
C ILE A 375 -2.53 29.00 17.50
N ASP A 376 -2.66 30.10 16.75
CA ASP A 376 -2.02 30.30 15.42
C ASP A 376 -0.50 30.49 15.66
N ALA A 377 0.28 30.71 14.60
CA ALA A 377 1.76 30.71 14.64
C ALA A 377 2.28 31.99 15.32
N GLY A 378 1.39 32.97 15.54
CA GLY A 378 1.70 34.23 16.25
C GLY A 378 1.41 34.16 17.74
N GLY A 379 0.92 33.03 18.26
CA GLY A 379 0.56 32.85 19.68
C GLY A 379 -0.79 33.45 20.00
N LEU A 380 -1.64 33.68 18.99
CA LEU A 380 -2.99 34.29 19.16
C LEU A 380 -4.06 33.22 18.95
N PRO A 381 -5.14 33.19 19.75
CA PRO A 381 -6.25 32.26 19.51
C PRO A 381 -6.89 32.46 18.13
N HIS A 382 -7.35 31.37 17.52
CA HIS A 382 -8.04 31.36 16.20
C HIS A 382 -9.28 30.48 16.34
N PRO A 383 -10.44 30.85 15.75
CA PRO A 383 -11.66 30.08 15.95
C PRO A 383 -11.59 28.62 15.44
N ASP A 384 -10.82 28.32 14.39
CA ASP A 384 -10.95 27.01 13.69
C ASP A 384 -9.64 26.42 13.19
N THR A 385 -8.51 27.14 13.20
CA THR A 385 -7.20 26.63 12.68
C THR A 385 -6.04 27.14 13.52
N GLY A 386 -5.27 26.22 14.09
CA GLY A 386 -4.01 26.54 14.79
C GLY A 386 -3.49 25.33 15.55
N GLU A 387 -2.49 25.55 16.41
CA GLU A 387 -1.95 24.50 17.28
C GLU A 387 -3.03 24.11 18.28
N LEU A 388 -3.34 22.82 18.34
CA LEU A 388 -4.24 22.23 19.36
C LEU A 388 -3.58 22.33 20.74
N CYS A 389 -4.20 23.02 21.69
CA CYS A 389 -3.82 23.03 23.13
C CYS A 389 -5.01 22.55 23.96
N VAL A 390 -4.75 21.72 24.97
CA VAL A 390 -5.79 20.96 25.70
C VAL A 390 -5.60 21.17 27.20
N THR A 391 -6.71 21.28 27.92
CA THR A 391 -6.78 21.32 29.39
C THR A 391 -7.91 20.38 29.86
N GLY A 392 -7.99 20.15 31.16
CA GLY A 392 -8.96 19.21 31.76
C GLY A 392 -8.24 18.05 32.43
N PRO A 393 -8.96 17.09 33.03
CA PRO A 393 -8.36 16.11 33.93
C PRO A 393 -7.41 15.07 33.33
N GLN A 394 -7.31 14.97 31.99
CA GLN A 394 -6.40 14.04 31.27
C GLN A 394 -5.01 14.66 31.09
N MET A 395 -4.89 15.98 31.25
CA MET A 395 -3.61 16.73 31.11
C MET A 395 -2.68 16.37 32.27
N ALA A 396 -1.48 15.89 31.99
CA ALA A 396 -0.44 15.60 32.99
C ALA A 396 -0.18 16.87 33.80
N GLY A 397 0.10 17.98 33.09
CA GLY A 397 0.28 19.32 33.68
C GLY A 397 1.74 19.65 33.95
N ARG A 398 2.63 18.67 33.81
CA ARG A 398 4.08 18.85 34.04
C ARG A 398 4.86 17.64 33.51
N TYR A 399 6.18 17.81 33.34
CA TYR A 399 7.16 16.71 33.22
C TYR A 399 7.84 16.48 34.58
N LEU A 400 8.53 15.34 34.75
CA LEU A 400 9.36 15.03 35.95
C LEU A 400 10.36 16.17 36.18
N ASP A 401 11.00 16.62 35.10
CA ASP A 401 12.02 17.69 35.15
C ASP A 401 11.36 19.01 34.80
N PRO A 402 11.20 19.97 35.75
CA PRO A 402 10.57 21.25 35.49
C PRO A 402 11.09 21.99 34.24
N ALA A 403 12.37 21.80 33.90
CA ALA A 403 13.04 22.44 32.73
C ALA A 403 12.31 22.10 31.43
N ASP A 404 11.76 20.89 31.32
CA ASP A 404 11.07 20.39 30.10
C ASP A 404 9.76 21.16 29.88
N ASP A 405 9.20 21.77 30.93
CA ASP A 405 7.90 22.49 30.90
C ASP A 405 7.96 23.70 29.94
N HIS A 406 9.11 24.34 29.73
CA HIS A 406 9.17 25.65 29.02
C HIS A 406 8.75 25.48 27.56
N GLY A 407 7.74 26.25 27.14
CA GLY A 407 7.20 26.29 25.76
C GLY A 407 6.15 25.21 25.50
N ARG A 408 5.89 24.31 26.46
CA ARG A 408 5.02 23.11 26.30
C ARG A 408 3.69 23.35 27.00
N PHE A 409 3.55 24.46 27.72
CA PHE A 409 2.30 24.85 28.41
C PHE A 409 1.95 26.28 28.01
N LEU A 410 0.65 26.57 28.04
CA LEU A 410 0.07 27.90 27.70
C LEU A 410 -0.71 28.37 28.92
N ASP A 411 -0.67 29.68 29.22
CA ASP A 411 -1.61 30.31 30.17
C ASP A 411 -2.58 31.18 29.37
N HIS A 412 -3.86 30.83 29.45
CA HIS A 412 -4.97 31.47 28.69
C HIS A 412 -6.27 31.24 29.49
N ASP A 413 -7.10 32.29 29.62
CA ASP A 413 -8.46 32.22 30.23
C ASP A 413 -8.39 31.58 31.62
N GLY A 414 -7.33 31.87 32.38
CA GLY A 414 -7.16 31.47 33.79
C GLY A 414 -6.96 29.98 33.97
N ARG A 415 -6.48 29.28 32.93
CA ARG A 415 -6.27 27.81 32.93
C ARG A 415 -4.92 27.47 32.28
N ARG A 416 -4.32 26.37 32.72
CA ARG A 416 -3.05 25.80 32.16
C ARG A 416 -3.44 24.80 31.06
N TRP A 417 -2.97 25.01 29.82
CA TRP A 417 -3.21 24.10 28.67
C TRP A 417 -1.88 23.47 28.27
N TYR A 418 -1.89 22.20 27.85
CA TYR A 418 -0.73 21.55 27.18
C TYR A 418 -0.75 21.90 25.68
N ARG A 419 0.43 22.17 25.13
CA ARG A 419 0.67 22.57 23.71
C ARG A 419 1.19 21.35 22.92
N THR A 420 0.35 20.80 22.04
CA THR A 420 0.59 19.50 21.35
C THR A 420 1.73 19.63 20.34
N GLY A 421 1.91 20.80 19.74
CA GLY A 421 2.75 21.01 18.54
C GLY A 421 2.06 20.54 17.27
N ASP A 422 0.82 20.04 17.36
CA ASP A 422 0.02 19.51 16.23
C ASP A 422 -0.93 20.60 15.72
N ARG A 423 -0.75 21.04 14.47
CA ARG A 423 -1.70 21.98 13.80
C ARG A 423 -2.94 21.20 13.36
N VAL A 424 -4.13 21.71 13.72
CA VAL A 424 -5.44 21.04 13.45
C VAL A 424 -6.40 22.07 12.89
N ARG A 425 -7.44 21.61 12.20
CA ARG A 425 -8.61 22.44 11.84
C ARG A 425 -9.81 21.86 12.56
N LEU A 426 -10.66 22.74 13.09
CA LEU A 426 -11.93 22.40 13.79
C LEU A 426 -13.10 22.62 12.82
N ALA A 427 -14.07 21.69 12.78
CA ALA A 427 -15.35 21.82 12.04
C ALA A 427 -16.47 22.12 13.02
N PRO A 428 -17.56 22.81 12.59
CA PRO A 428 -18.76 22.90 13.41
C PRO A 428 -19.22 21.49 13.80
N GLY A 429 -19.69 21.33 15.06
CA GLY A 429 -19.94 20.01 15.67
C GLY A 429 -18.68 19.36 16.23
N GLY A 430 -17.49 19.93 16.03
CA GLY A 430 -16.33 19.57 16.86
C GLY A 430 -15.37 18.55 16.25
N GLU A 431 -15.58 18.10 15.01
CA GLU A 431 -14.66 17.14 14.36
C GLU A 431 -13.32 17.86 14.07
N LEU A 432 -12.21 17.24 14.50
CA LEU A 432 -10.85 17.79 14.28
C LEU A 432 -10.18 17.05 13.11
N VAL A 433 -9.41 17.82 12.34
CA VAL A 433 -8.57 17.34 11.23
C VAL A 433 -7.11 17.72 11.50
N TYR A 434 -6.22 16.73 11.46
CA TYR A 434 -4.77 16.89 11.64
C TYR A 434 -4.18 17.50 10.36
N LEU A 435 -3.38 18.57 10.49
CA LEU A 435 -2.81 19.33 9.35
C LEU A 435 -1.28 19.15 9.26
N GLY A 436 -0.59 18.90 10.38
CA GLY A 436 0.88 18.77 10.40
C GLY A 436 1.45 19.35 11.68
N ARG A 437 2.77 19.34 11.82
CA ARG A 437 3.46 19.84 13.05
C ARG A 437 3.81 21.31 12.85
N MET A 438 3.70 22.11 13.90
CA MET A 438 4.12 23.55 13.91
C MET A 438 5.66 23.60 13.91
N ASP A 439 6.33 22.68 14.61
CA ASP A 439 7.79 22.71 14.91
C ASP A 439 8.55 21.68 14.04
N ALA A 440 9.70 21.20 14.52
CA ALA A 440 10.61 20.24 13.85
C ALA A 440 10.75 18.97 14.70
N GLN A 441 9.63 18.51 15.27
CA GLN A 441 9.42 17.13 15.76
C GLN A 441 8.82 16.31 14.60
N VAL A 442 9.15 15.02 14.50
CA VAL A 442 8.68 14.11 13.40
C VAL A 442 8.18 12.81 14.00
N GLN A 443 7.41 12.06 13.21
CA GLN A 443 6.78 10.78 13.58
C GLN A 443 7.27 9.74 12.57
N ILE A 444 8.05 8.73 13.03
CA ILE A 444 8.71 7.67 12.21
C ILE A 444 8.05 6.32 12.51
N GLN A 445 7.17 5.83 11.63
CA GLN A 445 6.07 4.89 12.03
C GLN A 445 5.32 5.62 13.14
N GLY A 446 5.14 5.03 14.32
CA GLY A 446 4.48 5.77 15.42
C GLY A 446 5.44 6.66 16.21
N TRP A 447 6.76 6.43 16.10
CA TRP A 447 7.77 7.02 17.02
C TRP A 447 7.87 8.53 16.81
N ARG A 448 7.39 9.28 17.79
CA ARG A 448 7.55 10.74 17.94
C ARG A 448 8.99 11.00 18.41
N VAL A 449 9.79 11.70 17.60
CA VAL A 449 11.24 12.01 17.84
C VAL A 449 11.54 13.44 17.38
N GLU A 450 12.27 14.18 18.22
CA GLU A 450 12.88 15.50 17.89
C GLU A 450 14.12 15.24 17.06
N LEU A 451 14.19 15.84 15.87
CA LEU A 451 15.39 15.81 14.98
C LEU A 451 16.64 16.20 15.77
N ALA A 452 16.52 17.11 16.74
CA ALA A 452 17.63 17.57 17.63
C ALA A 452 18.20 16.38 18.41
N GLU A 453 17.34 15.46 18.88
CA GLU A 453 17.71 14.20 19.60
C GLU A 453 18.70 13.39 18.75
N VAL A 454 18.43 13.24 17.45
CA VAL A 454 19.30 12.43 16.55
C VAL A 454 20.58 13.22 16.30
N ASP A 455 20.46 14.53 16.03
CA ASP A 455 21.62 15.44 15.79
C ASP A 455 22.61 15.37 16.96
N HIS A 456 22.12 15.45 18.22
CA HIS A 456 22.94 15.44 19.46
C HIS A 456 23.77 14.16 19.51
N ALA A 457 23.15 13.00 19.27
CA ALA A 457 23.81 11.67 19.30
C ALA A 457 24.89 11.57 18.21
N LEU A 458 24.69 12.20 17.05
CA LEU A 458 25.60 12.15 15.86
C LEU A 458 26.90 12.95 16.09
N GLN A 459 26.95 13.85 17.08
CA GLN A 459 28.18 14.64 17.39
C GLN A 459 29.29 13.67 17.82
N GLY A 460 28.90 12.57 18.49
CA GLY A 460 29.78 11.47 18.92
C GLY A 460 30.53 10.80 17.77
N CYS A 461 29.95 10.79 16.57
CA CYS A 461 30.41 9.99 15.40
C CYS A 461 31.81 10.43 14.94
N GLU A 462 32.55 9.48 14.36
CA GLU A 462 33.97 9.59 13.91
C GLU A 462 33.99 9.66 12.38
N GLY A 463 35.00 10.32 11.80
CA GLY A 463 35.20 10.41 10.34
C GLY A 463 34.24 11.38 9.67
N VAL A 464 33.42 12.06 10.48
CA VAL A 464 32.30 12.93 10.05
C VAL A 464 32.64 14.39 10.39
N GLY A 465 32.57 15.28 9.39
CA GLY A 465 32.66 16.75 9.58
C GLY A 465 31.46 17.25 10.38
N GLU A 466 30.34 17.51 9.72
CA GLU A 466 29.05 17.84 10.40
C GLU A 466 27.98 16.85 9.91
N ALA A 467 27.02 16.53 10.79
CA ALA A 467 25.87 15.65 10.52
C ALA A 467 24.58 16.40 10.88
N VAL A 468 23.56 16.36 10.01
CA VAL A 468 22.18 16.90 10.27
C VAL A 468 21.15 15.85 9.85
N THR A 469 20.16 15.62 10.72
CA THR A 469 18.99 14.74 10.47
C THR A 469 17.82 15.60 9.96
N VAL A 470 17.13 15.13 8.91
CA VAL A 470 15.82 15.64 8.41
C VAL A 470 14.83 14.49 8.33
N GLY A 471 13.54 14.83 8.41
CA GLY A 471 12.40 13.93 8.12
C GLY A 471 12.00 14.10 6.67
N ALA A 472 12.05 13.01 5.91
CA ALA A 472 11.64 12.96 4.49
C ALA A 472 10.24 12.37 4.41
N ALA A 473 9.27 13.17 3.94
CA ALA A 473 7.90 12.72 3.56
C ALA A 473 8.00 11.70 2.40
N THR A 474 7.50 10.49 2.67
CA THR A 474 7.55 9.27 1.82
C THR A 474 6.11 8.72 1.74
N ASP A 475 5.83 7.73 0.90
CA ASP A 475 4.51 7.01 0.88
C ASP A 475 4.24 6.42 2.28
N ALA A 476 5.28 5.88 2.91
CA ALA A 476 5.30 5.27 4.27
C ALA A 476 5.19 6.30 5.40
N GLY A 477 5.03 7.60 5.13
CA GLY A 477 4.97 8.65 6.16
C GLY A 477 6.25 9.46 6.20
N THR A 478 7.12 9.27 7.21
CA THR A 478 8.39 10.03 7.36
C THR A 478 9.56 9.08 7.68
N GLU A 479 10.71 9.32 7.05
CA GLU A 479 11.95 8.53 7.23
C GLU A 479 13.10 9.48 7.59
N LEU A 480 13.86 9.12 8.61
CA LEU A 480 15.06 9.90 9.01
C LEU A 480 16.09 9.74 7.90
N VAL A 481 16.66 10.86 7.46
CA VAL A 481 17.83 10.90 6.54
C VAL A 481 18.87 11.80 7.18
N VAL A 482 20.13 11.34 7.23
CA VAL A 482 21.31 12.11 7.70
C VAL A 482 22.06 12.60 6.46
N PHE A 483 22.30 13.91 6.39
CA PHE A 483 23.30 14.54 5.48
C PHE A 483 24.53 14.83 6.32
N TYR A 484 25.72 14.63 5.74
CA TYR A 484 27.00 14.71 6.47
C TYR A 484 28.14 15.02 5.49
N THR A 485 29.07 15.87 5.92
CA THR A 485 30.35 16.16 5.22
C THR A 485 31.44 15.24 5.79
N ALA A 486 32.45 14.90 4.98
CA ALA A 486 33.59 14.00 5.33
C ALA A 486 34.52 13.92 4.12
N PRO A 487 35.79 13.50 4.27
CA PRO A 487 36.65 13.29 3.11
C PRO A 487 36.11 12.20 2.16
N ALA A 488 35.45 11.18 2.71
CA ALA A 488 34.89 10.01 1.98
C ALA A 488 33.60 9.58 2.66
N PRO A 489 32.76 8.74 2.02
CA PRO A 489 31.57 8.21 2.68
C PRO A 489 31.96 7.39 3.91
N VAL A 490 31.05 7.34 4.88
CA VAL A 490 31.26 6.66 6.20
C VAL A 490 30.28 5.49 6.23
N PRO A 491 30.74 4.25 6.49
CA PRO A 491 29.85 3.09 6.50
C PRO A 491 28.67 3.32 7.43
N PRO A 492 27.41 3.06 6.97
CA PRO A 492 26.24 3.15 7.86
C PRO A 492 26.44 2.53 9.25
N VAL A 493 27.13 1.39 9.33
CA VAL A 493 27.37 0.62 10.58
C VAL A 493 28.10 1.52 11.58
N ARG A 494 28.97 2.42 11.11
CA ARG A 494 29.75 3.31 12.01
C ARG A 494 28.80 4.31 12.66
N PHE A 495 27.90 4.93 11.88
CA PHE A 495 26.78 5.77 12.40
C PHE A 495 25.96 4.95 13.40
N ALA A 496 25.51 3.75 13.01
CA ALA A 496 24.68 2.84 13.81
C ALA A 496 25.37 2.50 15.14
N ALA A 497 26.66 2.19 15.12
CA ALA A 497 27.46 1.81 16.32
C ALA A 497 27.36 2.93 17.36
N VAL A 498 27.53 4.18 16.94
CA VAL A 498 27.52 5.37 17.85
C VAL A 498 26.08 5.61 18.34
N LEU A 499 25.13 5.72 17.41
CA LEU A 499 23.70 6.04 17.68
C LEU A 499 23.06 5.04 18.64
N ARG A 500 23.36 3.74 18.52
CA ARG A 500 22.77 2.67 19.36
C ARG A 500 23.29 2.73 20.81
N ALA A 501 24.36 3.48 21.10
CA ALA A 501 24.83 3.69 22.48
C ALA A 501 23.83 4.58 23.25
N THR A 502 23.11 5.50 22.59
CA THR A 502 22.13 6.43 23.25
C THR A 502 20.71 6.40 22.66
N LEU A 503 20.47 6.00 21.40
CA LEU A 503 19.11 6.06 20.76
C LEU A 503 18.50 4.66 20.64
N PRO A 504 17.19 4.51 20.94
CA PRO A 504 16.45 3.30 20.58
C PRO A 504 16.51 3.10 19.06
N ASP A 505 16.52 1.86 18.59
CA ASP A 505 16.66 1.52 17.15
C ASP A 505 15.54 2.15 16.32
N GLY A 506 14.32 2.23 16.86
CA GLY A 506 13.18 2.91 16.22
C GLY A 506 13.57 4.26 15.62
N VAL A 507 14.51 4.95 16.25
CA VAL A 507 14.88 6.36 15.94
C VAL A 507 16.26 6.41 15.28
N VAL A 508 16.89 5.27 15.01
CA VAL A 508 18.23 5.22 14.33
C VAL A 508 17.95 5.23 12.84
N PRO A 509 18.33 6.30 12.11
CA PRO A 509 18.12 6.36 10.66
C PRO A 509 18.77 5.19 9.89
N ARG A 510 18.24 4.90 8.70
CA ARG A 510 18.75 3.90 7.72
C ARG A 510 19.27 4.60 6.46
N HIS A 511 19.22 5.94 6.39
CA HIS A 511 19.64 6.72 5.20
C HIS A 511 20.73 7.70 5.62
N TYR A 512 21.91 7.56 5.04
CA TYR A 512 23.13 8.36 5.30
C TYR A 512 23.66 8.85 3.95
N ARG A 513 23.60 10.16 3.68
CA ARG A 513 24.03 10.77 2.40
C ARG A 513 25.23 11.68 2.67
N HIS A 514 26.40 11.29 2.15
CA HIS A 514 27.63 12.11 2.04
C HIS A 514 27.38 13.25 1.05
N VAL A 515 27.67 14.49 1.46
CA VAL A 515 27.64 15.70 0.57
C VAL A 515 28.93 16.49 0.77
N ALA A 516 29.28 17.32 -0.22
CA ALA A 516 30.50 18.16 -0.27
C ALA A 516 30.34 19.35 0.69
N GLU A 517 29.17 19.99 0.63
CA GLU A 517 28.79 21.24 1.35
C GLU A 517 27.40 21.04 1.95
N LEU A 518 27.20 21.35 3.23
CA LEU A 518 25.85 21.48 3.84
C LEU A 518 25.40 22.94 3.65
N PRO A 519 24.19 23.19 3.11
CA PRO A 519 23.72 24.55 2.91
C PRO A 519 23.40 25.29 4.22
N LEU A 520 23.64 26.61 4.27
CA LEU A 520 23.31 27.51 5.41
C LEU A 520 22.21 28.46 4.96
N ASN A 521 21.35 28.92 5.90
CA ASN A 521 20.15 29.76 5.63
C ASN A 521 20.49 31.26 5.82
N SER A 522 19.45 32.12 5.84
CA SER A 522 19.52 33.57 6.12
C SER A 522 20.50 33.89 7.26
N ASN A 523 20.35 33.24 8.41
CA ASN A 523 21.07 33.55 9.68
C ASN A 523 22.14 32.48 9.96
N ARG A 524 22.59 31.77 8.91
CA ARG A 524 23.88 31.01 8.85
C ARG A 524 23.84 29.73 9.70
N LYS A 525 22.66 29.30 10.16
CA LYS A 525 22.42 27.91 10.68
C LYS A 525 22.16 27.01 9.47
N ILE A 526 22.53 25.73 9.53
CA ILE A 526 22.29 24.75 8.42
C ILE A 526 20.82 24.82 7.97
N ASP A 527 20.59 24.75 6.66
CA ASP A 527 19.25 24.95 6.03
C ASP A 527 18.55 23.59 5.93
N ARG A 528 17.61 23.34 6.84
CA ARG A 528 16.93 22.02 6.97
C ARG A 528 15.75 21.94 6.01
N ARG A 529 15.24 23.09 5.57
CA ARG A 529 14.13 23.20 4.58
C ARG A 529 14.65 22.66 3.23
N ALA A 530 15.74 23.24 2.70
CA ALA A 530 16.44 22.82 1.47
C ALA A 530 16.78 21.32 1.55
N LEU A 531 17.33 20.88 2.69
CA LEU A 531 17.85 19.48 2.86
C LEU A 531 16.68 18.49 2.99
N THR A 532 15.56 18.89 3.60
CA THR A 532 14.31 18.07 3.66
C THR A 532 13.83 17.81 2.22
N ALA A 533 13.83 18.84 1.37
CA ALA A 533 13.44 18.76 -0.05
C ALA A 533 14.39 17.82 -0.81
N ARG A 534 15.70 17.91 -0.56
CA ARG A 534 16.72 17.06 -1.23
C ARG A 534 16.52 15.61 -0.78
N ALA A 535 16.21 15.40 0.50
CA ALA A 535 15.88 14.07 1.09
C ALA A 535 14.70 13.45 0.33
N GLU A 536 13.64 14.24 0.12
CA GLU A 536 12.36 13.81 -0.50
C GLU A 536 12.64 13.34 -1.94
N GLU A 537 13.47 14.07 -2.69
CA GLU A 537 13.73 13.78 -4.13
C GLU A 537 14.70 12.59 -4.27
N LEU A 538 15.46 12.26 -3.22
CA LEU A 538 16.32 11.04 -3.18
C LEU A 538 15.48 9.79 -2.91
N LEU A 539 14.33 9.90 -2.24
CA LEU A 539 13.54 8.74 -1.76
C LEU A 539 12.30 8.51 -2.64
N GLY A 540 11.92 9.46 -3.51
CA GLY A 540 10.67 9.45 -4.30
C GLY A 540 10.24 10.84 -4.76
N MET B 21 27.45 -23.69 5.73
CA MET B 21 27.60 -22.66 4.66
C MET B 21 26.31 -22.59 3.83
N TRP B 22 25.52 -21.54 4.07
CA TRP B 22 24.19 -21.31 3.44
C TRP B 22 24.36 -21.07 1.93
N ASP B 23 23.26 -21.12 1.18
CA ASP B 23 23.28 -20.90 -0.28
C ASP B 23 23.21 -19.39 -0.56
N ALA B 24 23.53 -18.98 -1.79
CA ALA B 24 23.57 -17.57 -2.25
C ALA B 24 22.18 -16.94 -2.08
N GLN B 25 21.13 -17.68 -2.46
CA GLN B 25 19.73 -17.22 -2.37
C GLN B 25 19.46 -16.71 -0.95
N PHE B 26 19.74 -17.56 0.05
CA PHE B 26 19.55 -17.24 1.49
C PHE B 26 20.24 -15.91 1.80
N GLU B 27 21.53 -15.77 1.45
CA GLU B 27 22.36 -14.61 1.89
C GLU B 27 21.90 -13.35 1.15
N ASN B 28 21.75 -13.42 -0.18
CA ASN B 28 21.26 -12.28 -1.02
C ASN B 28 19.95 -11.70 -0.46
N LEU B 29 19.04 -12.61 -0.10
CA LEU B 29 17.68 -12.33 0.45
C LEU B 29 17.86 -11.63 1.81
N LEU B 30 18.67 -12.23 2.69
CA LEU B 30 18.88 -11.76 4.08
C LEU B 30 19.47 -10.35 4.02
N ARG B 31 20.37 -10.10 3.05
CA ARG B 31 21.14 -8.83 2.91
C ARG B 31 20.21 -7.65 2.61
N ARG B 32 19.11 -7.87 1.89
CA ARG B 32 18.13 -6.83 1.53
C ARG B 32 17.51 -6.23 2.81
N TYR B 33 17.63 -6.88 3.97
CA TYR B 33 17.05 -6.42 5.26
C TYR B 33 18.13 -5.96 6.25
N LEU B 34 19.40 -5.85 5.84
CA LEU B 34 20.53 -5.53 6.75
C LEU B 34 21.26 -4.27 6.25
N PRO B 35 20.62 -3.07 6.31
CA PRO B 35 21.19 -1.84 5.76
C PRO B 35 22.44 -1.27 6.45
N PHE B 36 22.85 -1.82 7.61
CA PHE B 36 24.13 -1.47 8.27
C PHE B 36 25.15 -2.57 7.99
N LEU B 37 25.08 -3.17 6.79
CA LEU B 37 26.09 -4.13 6.24
C LEU B 37 26.31 -3.81 4.76
N SER B 38 27.47 -3.26 4.41
CA SER B 38 27.90 -2.98 3.01
C SER B 38 27.98 -4.29 2.22
N ALA B 39 27.83 -4.20 0.89
CA ALA B 39 27.92 -5.34 -0.07
C ALA B 39 29.30 -5.99 -0.03
N ASP B 40 30.37 -5.24 0.31
CA ASP B 40 31.78 -5.67 0.14
C ASP B 40 32.31 -6.32 1.42
N GLN B 41 31.46 -6.47 2.44
CA GLN B 41 31.81 -6.95 3.79
C GLN B 41 31.05 -8.25 4.03
N PRO B 42 31.71 -9.38 4.39
CA PRO B 42 31.02 -10.66 4.49
C PRO B 42 30.02 -10.75 5.66
N LEU B 43 29.05 -11.67 5.55
CA LEU B 43 28.01 -11.96 6.57
C LEU B 43 28.51 -13.10 7.47
N GLU B 44 28.77 -12.81 8.75
CA GLU B 44 29.37 -13.78 9.71
C GLU B 44 28.28 -14.70 10.27
N GLN B 45 28.64 -15.96 10.50
CA GLN B 45 27.78 -17.06 11.03
C GLN B 45 26.97 -16.57 12.24
N ASP B 46 27.55 -15.75 13.13
CA ASP B 46 26.79 -15.29 14.33
C ASP B 46 27.13 -13.84 14.67
N ILE B 47 27.14 -12.96 13.67
CA ILE B 47 26.87 -11.49 13.87
C ILE B 47 25.43 -11.34 14.35
N ASN B 48 25.14 -10.34 15.17
CA ASN B 48 23.77 -10.07 15.68
C ASN B 48 22.99 -9.32 14.58
N LEU B 49 21.98 -9.95 13.99
CA LEU B 49 21.22 -9.38 12.84
C LEU B 49 20.65 -8.02 13.22
N ARG B 50 20.26 -7.85 14.48
CA ARG B 50 19.80 -6.57 15.06
C ARG B 50 20.88 -5.50 14.82
N ASP B 51 22.15 -5.79 15.11
CA ASP B 51 23.28 -4.82 15.04
C ASP B 51 23.56 -4.39 13.60
N ILE B 52 23.20 -5.19 12.59
CA ILE B 52 23.41 -4.81 11.16
C ILE B 52 22.08 -4.41 10.50
N GLY B 53 21.03 -4.16 11.31
CA GLY B 53 19.88 -3.31 10.92
C GLY B 53 18.52 -4.01 10.92
N LEU B 54 18.47 -5.32 11.19
CA LEU B 54 17.19 -6.08 11.13
C LEU B 54 16.24 -5.55 12.20
N ASP B 55 15.18 -4.88 11.78
CA ASP B 55 14.13 -4.35 12.68
C ASP B 55 12.97 -5.37 12.70
N SER B 56 11.94 -5.09 13.47
CA SER B 56 10.82 -6.02 13.71
C SER B 56 9.94 -6.13 12.44
N LEU B 57 9.91 -5.08 11.61
CA LEU B 57 9.22 -5.08 10.29
C LEU B 57 9.96 -6.03 9.31
N GLY B 58 11.27 -5.84 9.16
CA GLY B 58 12.14 -6.69 8.32
C GLY B 58 12.04 -8.15 8.69
N THR B 59 11.99 -8.47 9.98
CA THR B 59 11.84 -9.84 10.54
C THR B 59 10.58 -10.52 9.96
N VAL B 60 9.44 -9.81 9.91
CA VAL B 60 8.16 -10.35 9.40
C VAL B 60 8.30 -10.58 7.89
N GLU B 61 8.74 -9.56 7.16
CA GLU B 61 9.00 -9.62 5.70
C GLU B 61 9.98 -10.77 5.40
N LEU B 62 11.05 -10.90 6.20
CA LEU B 62 12.11 -11.94 6.02
C LEU B 62 11.47 -13.32 6.20
N LEU B 63 10.66 -13.48 7.25
CA LEU B 63 9.97 -14.75 7.51
C LEU B 63 9.12 -15.11 6.30
N SER B 64 8.31 -14.16 5.83
CA SER B 64 7.44 -14.32 4.65
C SER B 64 8.28 -14.75 3.46
N GLU B 65 9.39 -14.05 3.19
CA GLU B 65 10.23 -14.33 2.00
C GLU B 65 10.81 -15.75 2.08
N LEU B 66 11.29 -16.16 3.24
CA LEU B 66 11.93 -17.50 3.40
C LEU B 66 10.88 -18.58 3.12
N GLU B 67 9.67 -18.43 3.67
CA GLU B 67 8.56 -19.41 3.53
C GLU B 67 8.17 -19.53 2.04
N ASN B 68 8.10 -18.41 1.32
CA ASN B 68 7.71 -18.37 -0.10
C ASN B 68 8.84 -18.93 -0.97
N THR B 69 10.10 -18.56 -0.71
CA THR B 69 11.24 -18.89 -1.58
C THR B 69 11.62 -20.36 -1.37
N TYR B 70 11.52 -20.90 -0.15
CA TYR B 70 11.96 -22.30 0.16
C TYR B 70 10.75 -23.23 0.26
N ASP B 71 9.53 -22.73 0.06
CA ASP B 71 8.28 -23.52 0.16
C ASP B 71 8.29 -24.31 1.49
N VAL B 72 8.42 -23.61 2.62
CA VAL B 72 8.40 -24.18 3.99
C VAL B 72 7.47 -23.34 4.86
N HIS B 73 7.06 -23.90 5.99
CA HIS B 73 6.20 -23.23 7.00
C HIS B 73 6.87 -23.32 8.37
N PHE B 74 7.23 -22.17 8.95
CA PHE B 74 7.77 -22.06 10.33
C PHE B 74 6.62 -22.25 11.32
N GLN B 75 6.60 -23.38 12.04
CA GLN B 75 5.62 -23.65 13.13
C GLN B 75 5.96 -22.73 14.31
N ASP B 76 4.96 -22.36 15.10
CA ASP B 76 5.09 -21.40 16.24
C ASP B 76 6.09 -21.95 17.27
N GLU B 77 6.25 -23.29 17.33
CA GLU B 77 7.25 -23.98 18.20
C GLU B 77 8.66 -23.55 17.81
N ALA B 78 8.99 -23.57 16.51
CA ALA B 78 10.36 -23.32 15.99
C ALA B 78 10.67 -21.81 15.93
N LEU B 79 9.71 -20.94 16.28
CA LEU B 79 9.89 -19.47 16.24
C LEU B 79 10.16 -18.95 17.66
N THR B 80 11.30 -19.35 18.23
CA THR B 80 11.79 -18.87 19.55
C THR B 80 12.18 -17.39 19.41
N LYS B 81 12.64 -16.81 20.51
CA LYS B 81 13.17 -15.43 20.62
C LYS B 81 14.54 -15.38 19.89
N GLU B 82 15.18 -16.54 19.65
CA GLU B 82 16.57 -16.70 19.14
C GLU B 82 16.61 -16.84 17.61
N THR B 83 15.54 -17.37 16.99
CA THR B 83 15.46 -17.80 15.57
C THR B 83 16.08 -16.76 14.61
N PHE B 84 15.81 -15.47 14.83
CA PHE B 84 16.24 -14.34 13.96
C PHE B 84 17.29 -13.47 14.66
N GLU B 85 18.05 -14.05 15.59
CA GLU B 85 19.12 -13.36 16.34
C GLU B 85 20.40 -13.33 15.48
N THR B 86 20.77 -14.49 14.93
CA THR B 86 22.00 -14.67 14.10
C THR B 86 21.69 -15.41 12.82
N PRO B 87 22.47 -15.16 11.73
CA PRO B 87 22.33 -15.91 10.48
C PRO B 87 22.42 -17.42 10.63
N GLY B 88 23.37 -17.89 11.46
CA GLY B 88 23.67 -19.31 11.67
C GLY B 88 22.48 -20.06 12.23
N VAL B 89 21.78 -19.48 13.20
CA VAL B 89 20.57 -20.09 13.83
C VAL B 89 19.44 -20.08 12.79
N LEU B 90 19.20 -18.95 12.13
CA LEU B 90 18.13 -18.85 11.11
C LEU B 90 18.32 -19.97 10.07
N TRP B 91 19.54 -20.08 9.50
CA TRP B 91 19.89 -21.09 8.45
C TRP B 91 19.74 -22.50 9.00
N LYS B 92 20.17 -22.73 10.24
CA LYS B 92 20.03 -24.04 10.93
C LYS B 92 18.54 -24.40 11.01
N THR B 93 17.72 -23.48 11.54
CA THR B 93 16.25 -23.60 11.66
C THR B 93 15.64 -23.89 10.29
N LEU B 94 16.03 -23.13 9.26
CA LEU B 94 15.44 -23.18 7.90
C LEU B 94 15.76 -24.52 7.24
N SER B 95 17.05 -24.90 7.17
CA SER B 95 17.53 -26.13 6.49
C SER B 95 17.01 -27.39 7.23
N GLN B 96 16.66 -27.27 8.51
CA GLN B 96 15.95 -28.34 9.28
C GLN B 96 14.45 -28.26 9.02
N MET B 97 14.02 -28.38 7.76
CA MET B 97 12.58 -28.43 7.35
C MET B 97 12.44 -29.13 6.00
N ASP C 21 9.00 -9.47 -44.10
CA ASP C 21 10.09 -9.07 -43.16
C ASP C 21 9.67 -7.82 -42.35
N HIS C 22 9.11 -6.82 -43.03
CA HIS C 22 8.38 -5.67 -42.41
C HIS C 22 6.92 -6.05 -42.11
N ALA C 23 6.47 -7.27 -42.45
CA ALA C 23 5.05 -7.66 -42.35
C ALA C 23 4.76 -8.16 -40.93
N LEU C 24 3.76 -7.57 -40.26
CA LEU C 24 3.37 -7.98 -38.90
C LEU C 24 3.18 -9.50 -38.89
N HIS C 25 2.44 -10.05 -39.84
CA HIS C 25 2.13 -11.50 -39.89
C HIS C 25 3.42 -12.32 -40.05
N ALA C 26 4.50 -11.72 -40.54
CA ALA C 26 5.83 -12.40 -40.66
C ALA C 26 6.35 -12.78 -39.26
N ARG C 27 6.08 -11.96 -38.24
CA ARG C 27 6.46 -12.29 -36.83
C ARG C 27 5.79 -13.61 -36.42
N PHE C 28 4.51 -13.82 -36.76
CA PHE C 28 3.78 -15.07 -36.46
C PHE C 28 4.42 -16.22 -37.26
N LEU C 29 4.81 -15.97 -38.52
CA LEU C 29 5.51 -16.97 -39.36
C LEU C 29 6.85 -17.36 -38.72
N ARG C 30 7.64 -16.39 -38.25
CA ARG C 30 8.92 -16.64 -37.53
C ARG C 30 8.68 -17.63 -36.37
N GLY C 31 7.64 -17.40 -35.58
CA GLY C 31 7.18 -18.32 -34.51
C GLY C 31 6.81 -19.69 -35.05
N LEU C 32 6.02 -19.72 -36.13
CA LEU C 32 5.53 -20.97 -36.79
C LEU C 32 6.72 -21.85 -37.22
N ALA C 33 7.71 -21.25 -37.87
CA ALA C 33 8.95 -21.92 -38.36
C ALA C 33 9.70 -22.50 -37.16
N CYS C 34 9.78 -21.72 -36.09
CA CYS C 34 10.56 -21.99 -34.87
C CYS C 34 9.89 -23.08 -34.02
N ALA C 35 8.56 -23.08 -33.90
CA ALA C 35 7.83 -23.84 -32.86
C ALA C 35 6.46 -24.27 -33.34
N PRO C 36 6.36 -25.07 -34.41
CA PRO C 36 5.07 -25.32 -35.07
C PRO C 36 4.04 -26.01 -34.18
N ASP C 37 4.47 -26.98 -33.36
CA ASP C 37 3.57 -27.85 -32.55
C ASP C 37 3.57 -27.40 -31.09
N ARG C 38 4.24 -26.29 -30.75
CA ARG C 38 4.12 -25.61 -29.43
C ARG C 38 2.82 -24.79 -29.40
N PRO C 39 2.25 -24.48 -28.21
CA PRO C 39 1.11 -23.57 -28.14
C PRO C 39 1.50 -22.14 -28.55
N ALA C 40 0.64 -21.49 -29.32
CA ALA C 40 0.71 -20.03 -29.62
C ALA C 40 -0.26 -19.29 -28.69
N VAL C 41 -1.34 -19.97 -28.29
CA VAL C 41 -2.42 -19.40 -27.44
C VAL C 41 -2.91 -20.51 -26.50
N ARG C 42 -3.07 -20.21 -25.21
CA ARG C 42 -3.90 -20.97 -24.26
C ARG C 42 -4.95 -19.99 -23.77
N PHE C 43 -6.23 -20.35 -23.84
CA PHE C 43 -7.36 -19.47 -23.44
C PHE C 43 -8.59 -20.33 -23.19
N GLY C 44 -9.27 -20.13 -22.07
CA GLY C 44 -10.55 -20.81 -21.75
C GLY C 44 -10.42 -22.33 -21.73
N GLY C 45 -9.22 -22.87 -21.46
CA GLY C 45 -8.96 -24.32 -21.33
C GLY C 45 -8.59 -24.95 -22.67
N ARG C 46 -8.53 -24.14 -23.73
CA ARG C 46 -8.23 -24.61 -25.11
C ARG C 46 -6.78 -24.24 -25.45
N THR C 47 -6.11 -25.08 -26.23
CA THR C 47 -4.76 -24.84 -26.78
C THR C 47 -4.83 -24.73 -28.30
N LEU C 48 -4.18 -23.71 -28.85
CA LEU C 48 -4.00 -23.46 -30.29
C LEU C 48 -2.50 -23.43 -30.60
N THR C 49 -2.01 -24.42 -31.33
CA THR C 49 -0.59 -24.49 -31.76
C THR C 49 -0.39 -23.49 -32.90
N TYR C 50 0.86 -23.18 -33.23
CA TYR C 50 1.20 -22.31 -34.37
C TYR C 50 0.65 -22.94 -35.66
N ALA C 51 0.79 -24.26 -35.82
CA ALA C 51 0.33 -25.05 -37.00
C ALA C 51 -1.21 -24.91 -37.16
N GLN C 52 -1.95 -25.15 -36.08
CA GLN C 52 -3.43 -25.02 -36.03
C GLN C 52 -3.82 -23.58 -36.41
N ALA C 53 -3.15 -22.58 -35.87
CA ALA C 53 -3.47 -21.15 -36.10
C ALA C 53 -3.17 -20.76 -37.55
N HIS C 54 -2.04 -21.23 -38.07
CA HIS C 54 -1.60 -20.95 -39.46
C HIS C 54 -2.64 -21.51 -40.46
N ARG C 55 -3.01 -22.79 -40.30
CA ARG C 55 -3.92 -23.52 -41.23
C ARG C 55 -5.30 -22.86 -41.19
N THR C 56 -5.76 -22.39 -40.01
CA THR C 56 -7.08 -21.72 -39.84
C THR C 56 -7.04 -20.33 -40.48
N ALA C 57 -5.97 -19.55 -40.23
CA ALA C 57 -5.80 -18.20 -40.80
C ALA C 57 -5.77 -18.26 -42.34
N LEU C 58 -5.13 -19.28 -42.91
CA LEU C 58 -5.08 -19.49 -44.39
C LEU C 58 -6.49 -19.77 -44.91
N THR C 59 -7.20 -20.72 -44.30
CA THR C 59 -8.61 -21.06 -44.62
C THR C 59 -9.49 -19.81 -44.52
N TRP C 60 -9.51 -19.13 -43.37
CA TRP C 60 -10.43 -17.99 -43.13
C TRP C 60 -10.14 -16.87 -44.13
N ALA C 61 -8.88 -16.51 -44.36
CA ALA C 61 -8.50 -15.38 -45.25
C ALA C 61 -8.80 -15.75 -46.71
N GLY C 62 -8.57 -17.00 -47.09
CA GLY C 62 -8.93 -17.52 -48.43
C GLY C 62 -10.43 -17.41 -48.66
N SER C 63 -11.22 -18.01 -47.78
CA SER C 63 -12.70 -17.94 -47.78
C SER C 63 -13.16 -16.47 -47.85
N LEU C 64 -12.62 -15.61 -47.01
CA LEU C 64 -12.96 -14.16 -46.98
C LEU C 64 -12.68 -13.55 -48.36
N LEU C 65 -11.47 -13.73 -48.90
CA LEU C 65 -11.05 -13.10 -50.18
C LEU C 65 -11.90 -13.64 -51.35
N ARG C 66 -12.33 -14.90 -51.28
CA ARG C 66 -13.28 -15.52 -52.25
C ARG C 66 -14.62 -14.78 -52.20
N ALA C 67 -15.09 -14.34 -51.03
CA ALA C 67 -16.44 -13.76 -50.80
C ALA C 67 -16.46 -12.25 -51.09
N THR C 68 -15.33 -11.56 -51.05
CA THR C 68 -15.26 -10.09 -51.24
C THR C 68 -14.94 -9.80 -52.70
N PRO C 69 -15.46 -8.69 -53.28
CA PRO C 69 -15.15 -8.35 -54.67
C PRO C 69 -13.67 -7.98 -54.83
N GLU C 70 -13.11 -7.27 -53.84
CA GLU C 70 -11.68 -6.88 -53.75
C GLU C 70 -11.11 -7.29 -52.40
N PRO C 71 -9.78 -7.48 -52.29
CA PRO C 71 -9.15 -7.62 -50.98
C PRO C 71 -9.59 -6.46 -50.10
N PRO C 72 -10.25 -6.72 -48.96
CA PRO C 72 -10.69 -5.65 -48.07
C PRO C 72 -9.47 -4.93 -47.47
N ALA C 73 -9.49 -3.59 -47.46
CA ALA C 73 -8.45 -2.72 -46.85
C ALA C 73 -8.49 -2.81 -45.32
N ALA C 74 -9.66 -3.10 -44.74
CA ALA C 74 -9.86 -3.10 -43.27
C ALA C 74 -10.82 -4.21 -42.86
N VAL C 75 -10.38 -5.15 -42.04
CA VAL C 75 -11.24 -6.24 -41.47
C VAL C 75 -11.49 -5.99 -39.97
N GLY C 76 -12.76 -5.77 -39.61
CA GLY C 76 -13.24 -5.70 -38.22
C GLY C 76 -13.12 -7.05 -37.55
N VAL C 77 -12.59 -7.09 -36.34
CA VAL C 77 -12.56 -8.31 -35.47
C VAL C 77 -13.50 -8.02 -34.30
N LEU C 78 -14.75 -8.43 -34.44
CA LEU C 78 -15.83 -8.12 -33.46
C LEU C 78 -16.10 -9.37 -32.63
N ALA C 79 -15.27 -9.55 -31.59
CA ALA C 79 -15.26 -10.76 -30.74
C ALA C 79 -14.71 -10.39 -29.36
N ASP C 80 -15.15 -11.11 -28.33
CA ASP C 80 -14.51 -11.03 -27.01
C ASP C 80 -13.09 -11.53 -27.17
N LYS C 81 -12.25 -11.17 -26.22
CA LYS C 81 -10.87 -11.68 -26.13
C LYS C 81 -10.95 -13.20 -26.06
N GLY C 82 -10.04 -13.89 -26.74
CA GLY C 82 -10.01 -15.35 -26.83
C GLY C 82 -9.53 -15.79 -28.20
N ILE C 83 -9.69 -17.06 -28.48
CA ILE C 83 -9.05 -17.73 -29.65
C ILE C 83 -9.72 -17.27 -30.95
N PRO C 84 -11.07 -17.23 -31.05
CA PRO C 84 -11.74 -16.62 -32.20
C PRO C 84 -11.19 -15.23 -32.55
N ALA C 85 -10.88 -14.37 -31.57
CA ALA C 85 -10.37 -13.01 -31.79
C ALA C 85 -8.92 -13.07 -32.32
N TYR C 86 -8.10 -13.93 -31.72
CA TYR C 86 -6.67 -14.07 -32.10
C TYR C 86 -6.57 -14.59 -33.54
N LEU C 87 -7.36 -15.61 -33.88
CA LEU C 87 -7.46 -16.15 -35.27
C LEU C 87 -7.93 -15.04 -36.21
N GLY C 88 -8.91 -14.24 -35.79
CA GLY C 88 -9.42 -13.08 -36.54
C GLY C 88 -8.31 -12.09 -36.86
N ILE C 89 -7.50 -11.72 -35.86
CA ILE C 89 -6.35 -10.79 -36.04
C ILE C 89 -5.39 -11.37 -37.10
N LEU C 90 -5.02 -12.64 -37.00
CA LEU C 90 -4.10 -13.29 -37.97
C LEU C 90 -4.76 -13.33 -39.35
N THR C 91 -6.06 -13.66 -39.42
CA THR C 91 -6.82 -13.77 -40.70
C THR C 91 -6.77 -12.43 -41.43
N ALA C 92 -6.97 -11.31 -40.72
CA ALA C 92 -6.97 -9.95 -41.32
C ALA C 92 -5.59 -9.64 -41.91
N LEU C 93 -4.52 -9.92 -41.15
CA LEU C 93 -3.13 -9.65 -41.58
C LEU C 93 -2.80 -10.50 -42.82
N TYR C 94 -3.15 -11.78 -42.78
CA TYR C 94 -2.87 -12.80 -43.84
C TYR C 94 -3.58 -12.41 -45.13
N ALA C 95 -4.78 -11.82 -45.04
CA ALA C 95 -5.54 -11.24 -46.15
C ALA C 95 -4.91 -9.94 -46.63
N GLY C 96 -3.82 -9.47 -46.00
CA GLY C 96 -3.13 -8.21 -46.31
C GLY C 96 -3.95 -6.98 -45.95
N ALA C 97 -4.98 -7.13 -45.11
CA ALA C 97 -5.83 -6.02 -44.64
C ALA C 97 -5.28 -5.44 -43.32
N ALA C 98 -5.76 -4.26 -42.96
CA ALA C 98 -5.61 -3.66 -41.62
C ALA C 98 -6.53 -4.40 -40.64
N VAL C 99 -5.99 -4.78 -39.47
CA VAL C 99 -6.78 -5.31 -38.32
C VAL C 99 -7.48 -4.12 -37.65
N VAL C 100 -8.80 -4.21 -37.46
CA VAL C 100 -9.59 -3.19 -36.70
C VAL C 100 -10.29 -3.91 -35.57
N PRO C 101 -9.65 -4.00 -34.37
CA PRO C 101 -10.28 -4.62 -33.22
C PRO C 101 -11.50 -3.79 -32.81
N LEU C 102 -12.61 -4.49 -32.57
CA LEU C 102 -13.93 -3.92 -32.18
C LEU C 102 -14.39 -4.63 -30.92
N ARG C 103 -15.07 -3.91 -30.03
CA ARG C 103 -15.44 -4.44 -28.69
C ARG C 103 -16.93 -4.74 -28.72
N PRO C 104 -17.36 -6.02 -28.60
CA PRO C 104 -18.79 -6.32 -28.55
C PRO C 104 -19.54 -5.63 -27.42
N ASP C 105 -18.82 -5.26 -26.34
CA ASP C 105 -19.39 -4.66 -25.11
C ASP C 105 -19.47 -3.13 -25.26
N PHE C 106 -18.84 -2.54 -26.27
CA PHE C 106 -18.92 -1.08 -26.52
C PHE C 106 -20.34 -0.77 -26.99
N PRO C 107 -20.84 0.48 -26.81
CA PRO C 107 -22.14 0.85 -27.38
C PRO C 107 -22.06 0.79 -28.92
N ALA C 108 -23.09 0.24 -29.56
CA ALA C 108 -23.17 0.00 -31.01
C ALA C 108 -22.84 1.28 -31.78
N ALA C 109 -23.30 2.44 -31.32
CA ALA C 109 -22.99 3.75 -31.93
C ALA C 109 -21.46 3.89 -32.06
N ARG C 110 -20.74 3.70 -30.97
CA ARG C 110 -19.26 3.81 -30.95
C ARG C 110 -18.67 2.80 -31.94
N THR C 111 -19.13 1.54 -31.90
CA THR C 111 -18.62 0.46 -32.79
C THR C 111 -18.87 0.85 -34.26
N ALA C 112 -20.07 1.35 -34.59
CA ALA C 112 -20.46 1.77 -35.95
C ALA C 112 -19.52 2.89 -36.44
N GLU C 113 -19.21 3.86 -35.56
CA GLU C 113 -18.33 5.01 -35.88
C GLU C 113 -16.93 4.48 -36.21
N MET C 114 -16.47 3.44 -35.50
CA MET C 114 -15.13 2.84 -35.67
C MET C 114 -15.08 2.13 -37.02
N MET C 115 -16.09 1.31 -37.32
CA MET C 115 -16.23 0.59 -38.61
C MET C 115 -16.32 1.59 -39.77
N ARG C 116 -17.10 2.67 -39.62
CA ARG C 116 -17.24 3.74 -40.65
C ARG C 116 -15.87 4.39 -40.90
N ALA C 117 -15.25 4.96 -39.87
CA ALA C 117 -13.98 5.70 -39.92
C ALA C 117 -12.89 4.83 -40.56
N ALA C 118 -12.83 3.54 -40.18
CA ALA C 118 -11.76 2.60 -40.58
C ALA C 118 -12.09 1.97 -41.94
N GLY C 119 -13.22 2.34 -42.56
CA GLY C 119 -13.65 1.80 -43.85
C GLY C 119 -13.66 0.28 -43.83
N VAL C 120 -14.26 -0.31 -42.80
CA VAL C 120 -14.35 -1.79 -42.62
C VAL C 120 -15.37 -2.35 -43.63
N THR C 121 -14.93 -3.25 -44.51
CA THR C 121 -15.78 -3.88 -45.56
C THR C 121 -16.05 -5.35 -45.22
N ALA C 122 -15.44 -5.87 -44.16
CA ALA C 122 -15.57 -7.27 -43.71
C ALA C 122 -15.39 -7.35 -42.18
N VAL C 123 -16.20 -8.18 -41.52
CA VAL C 123 -16.18 -8.43 -40.05
C VAL C 123 -15.94 -9.92 -39.79
N ILE C 124 -14.90 -10.23 -39.01
CA ILE C 124 -14.77 -11.53 -38.28
C ILE C 124 -15.41 -11.36 -36.89
N ALA C 125 -16.46 -12.14 -36.60
CA ALA C 125 -17.31 -11.99 -35.40
C ALA C 125 -17.48 -13.35 -34.73
N ASP C 126 -17.41 -13.38 -33.39
CA ASP C 126 -17.83 -14.52 -32.55
C ASP C 126 -19.35 -14.44 -32.35
N GLY C 127 -19.90 -15.34 -31.54
CA GLY C 127 -21.35 -15.42 -31.26
C GLY C 127 -21.88 -14.07 -30.82
N ARG C 128 -21.24 -13.43 -29.84
CA ARG C 128 -21.68 -12.15 -29.26
C ARG C 128 -21.57 -11.03 -30.29
N GLY C 129 -20.49 -11.01 -31.06
CA GLY C 129 -20.32 -10.06 -32.17
C GLY C 129 -21.49 -10.14 -33.14
N ARG C 130 -21.91 -11.36 -33.50
CA ARG C 130 -22.92 -11.61 -34.58
C ARG C 130 -24.29 -11.08 -34.14
N ARG C 131 -24.60 -11.11 -32.85
CA ARG C 131 -25.88 -10.60 -32.32
C ARG C 131 -25.96 -9.07 -32.51
N LEU C 132 -24.83 -8.37 -32.64
CA LEU C 132 -24.81 -6.89 -32.81
C LEU C 132 -24.92 -6.50 -34.28
N LEU C 133 -24.70 -7.44 -35.21
CA LEU C 133 -24.51 -7.12 -36.64
C LEU C 133 -25.82 -6.62 -37.27
N PRO C 134 -27.01 -7.20 -36.94
CA PRO C 134 -28.27 -6.67 -37.42
C PRO C 134 -28.34 -5.15 -37.27
N GLU C 135 -27.91 -4.62 -36.12
CA GLU C 135 -27.94 -3.16 -35.87
C GLU C 135 -26.77 -2.48 -36.60
N LEU C 136 -25.56 -3.02 -36.46
CA LEU C 136 -24.30 -2.41 -36.99
C LEU C 136 -24.26 -2.36 -38.51
N LEU C 137 -24.82 -3.36 -39.19
CA LEU C 137 -24.74 -3.48 -40.68
C LEU C 137 -26.05 -3.03 -41.33
N ALA C 138 -26.97 -2.42 -40.57
CA ALA C 138 -28.32 -1.99 -41.03
C ALA C 138 -28.21 -1.35 -42.41
N ASP C 139 -27.31 -0.38 -42.61
CA ASP C 139 -27.01 0.19 -43.95
C ASP C 139 -25.50 0.15 -44.20
N ARG C 140 -24.90 -1.01 -43.94
CA ARG C 140 -23.64 -1.52 -44.55
C ARG C 140 -23.90 -2.98 -44.89
N ARG C 141 -25.01 -3.24 -45.62
CA ARG C 141 -25.56 -4.60 -45.88
C ARG C 141 -24.55 -5.40 -46.73
N ASP C 142 -23.69 -4.70 -47.47
CA ASP C 142 -22.58 -5.25 -48.29
C ASP C 142 -21.63 -6.13 -47.47
N THR C 143 -21.42 -5.78 -46.20
CA THR C 143 -20.29 -6.26 -45.36
C THR C 143 -20.26 -7.79 -45.34
N ALA C 144 -19.11 -8.37 -45.71
CA ALA C 144 -18.81 -9.80 -45.51
C ALA C 144 -18.70 -10.08 -44.00
N VAL C 145 -19.27 -11.21 -43.56
CA VAL C 145 -19.31 -11.66 -42.16
C VAL C 145 -18.82 -13.10 -42.11
N LEU C 146 -17.69 -13.31 -41.46
CA LEU C 146 -17.08 -14.64 -41.21
C LEU C 146 -17.33 -15.01 -39.73
N ALA C 147 -18.02 -16.12 -39.48
CA ALA C 147 -18.33 -16.67 -38.14
C ALA C 147 -17.09 -17.32 -37.56
N ALA C 148 -16.68 -16.92 -36.35
CA ALA C 148 -15.46 -17.41 -35.67
C ALA C 148 -15.73 -18.67 -34.82
N ASP C 149 -16.98 -19.13 -34.71
CA ASP C 149 -17.38 -20.30 -33.88
C ASP C 149 -17.97 -21.39 -34.78
N ALA C 164 -31.65 -9.92 -43.15
CA ALA C 164 -30.57 -10.79 -42.61
C ALA C 164 -29.19 -10.16 -42.90
N PRO C 165 -28.91 -8.94 -42.37
CA PRO C 165 -27.88 -8.06 -42.94
C PRO C 165 -26.47 -8.68 -42.93
N GLY C 166 -25.57 -8.18 -43.77
CA GLY C 166 -24.23 -8.78 -43.99
C GLY C 166 -24.31 -9.93 -44.99
N ARG C 167 -23.15 -10.31 -45.55
CA ARG C 167 -23.00 -11.42 -46.53
C ARG C 167 -22.19 -12.53 -45.87
N ARG C 168 -22.82 -13.65 -45.56
CA ARG C 168 -22.21 -14.76 -44.77
C ARG C 168 -21.10 -15.37 -45.62
N VAL C 169 -19.87 -15.40 -45.11
CA VAL C 169 -18.69 -16.00 -45.78
C VAL C 169 -18.79 -17.52 -45.66
N ALA C 170 -18.77 -18.24 -46.77
CA ALA C 170 -18.66 -19.71 -46.79
C ALA C 170 -17.20 -20.05 -46.52
N ILE C 171 -16.95 -20.78 -45.43
CA ILE C 171 -15.60 -21.15 -44.95
C ILE C 171 -15.34 -22.59 -45.40
N ASP C 172 -14.24 -22.81 -46.10
CA ASP C 172 -13.88 -24.13 -46.64
C ASP C 172 -12.37 -24.16 -46.82
N GLU C 173 -11.71 -25.26 -46.46
CA GLU C 173 -10.25 -25.47 -46.68
C GLU C 173 -9.94 -25.41 -48.17
N GLY C 174 -10.93 -25.75 -49.03
CA GLY C 174 -10.86 -25.62 -50.49
C GLY C 174 -10.57 -24.19 -50.95
N TYR C 175 -10.97 -23.17 -50.17
CA TYR C 175 -10.82 -21.73 -50.52
C TYR C 175 -9.56 -21.13 -49.91
N ALA C 176 -8.81 -21.90 -49.11
CA ALA C 176 -7.62 -21.47 -48.33
C ALA C 176 -6.61 -20.73 -49.22
N LEU C 177 -5.99 -19.66 -48.71
CA LEU C 177 -4.69 -19.19 -49.25
C LEU C 177 -3.69 -20.33 -49.08
N THR C 178 -2.78 -20.47 -50.04
CA THR C 178 -1.56 -21.33 -49.94
C THR C 178 -0.55 -20.64 -49.03
N ALA C 179 -0.38 -19.31 -49.19
CA ALA C 179 0.51 -18.46 -48.37
C ALA C 179 -0.19 -17.15 -48.00
N PRO C 180 0.25 -16.47 -46.92
CA PRO C 180 -0.28 -15.15 -46.57
C PRO C 180 0.07 -14.13 -47.65
N ARG C 181 -0.85 -13.19 -47.94
CA ARG C 181 -0.63 -12.08 -48.89
C ARG C 181 0.52 -11.20 -48.39
N ASP C 182 1.40 -10.77 -49.29
CA ASP C 182 2.48 -9.78 -49.01
C ASP C 182 1.83 -8.41 -48.83
N VAL C 183 2.60 -7.48 -48.29
CA VAL C 183 2.18 -6.06 -48.03
C VAL C 183 3.43 -5.19 -48.22
N VAL C 184 3.26 -3.88 -48.43
CA VAL C 184 4.38 -2.90 -48.46
C VAL C 184 4.48 -2.24 -47.08
N PRO C 185 5.61 -1.60 -46.71
CA PRO C 185 5.73 -0.98 -45.39
C PRO C 185 4.65 0.06 -45.06
N ASP C 186 4.05 0.71 -46.06
CA ASP C 186 3.07 1.81 -45.90
C ASP C 186 1.62 1.29 -45.84
N ASP C 187 1.42 -0.01 -46.04
CA ASP C 187 0.09 -0.64 -45.83
C ASP C 187 -0.29 -0.51 -44.34
N THR C 188 -1.53 -0.12 -44.05
CA THR C 188 -2.09 -0.09 -42.68
C THR C 188 -2.25 -1.53 -42.17
N ALA C 189 -1.58 -1.86 -41.06
CA ALA C 189 -1.62 -3.20 -40.41
C ALA C 189 -2.68 -3.20 -39.30
N TYR C 190 -2.86 -2.06 -38.61
CA TYR C 190 -3.76 -1.94 -37.44
C TYR C 190 -4.45 -0.58 -37.48
N VAL C 191 -5.74 -0.53 -37.16
CA VAL C 191 -6.46 0.72 -36.80
C VAL C 191 -6.97 0.62 -35.36
N LEU C 192 -6.55 1.58 -34.53
CA LEU C 192 -6.86 1.68 -33.08
C LEU C 192 -7.39 3.08 -32.79
N PHE C 193 -8.36 3.18 -31.88
CA PHE C 193 -9.02 4.48 -31.58
C PHE C 193 -8.57 4.99 -30.21
N THR C 194 -8.37 6.30 -30.14
CA THR C 194 -8.12 7.10 -28.92
C THR C 194 -9.34 8.01 -28.68
N SER C 195 -9.68 8.30 -27.42
CA SER C 195 -10.93 8.99 -26.98
C SER C 195 -11.29 10.14 -27.93
N ARG C 200 -16.49 11.81 -30.64
CA ARG C 200 -16.05 10.92 -31.74
C ARG C 200 -14.61 10.51 -31.48
N PRO C 201 -14.29 9.19 -31.51
CA PRO C 201 -12.91 8.74 -31.31
C PRO C 201 -12.02 9.06 -32.52
N LYS C 202 -10.74 9.32 -32.26
CA LYS C 202 -9.71 9.56 -33.30
C LYS C 202 -9.14 8.20 -33.72
N GLY C 203 -9.04 7.97 -35.03
CA GLY C 203 -8.55 6.69 -35.60
C GLY C 203 -7.07 6.78 -35.94
N VAL C 204 -6.26 5.83 -35.48
CA VAL C 204 -4.78 5.81 -35.73
C VAL C 204 -4.44 4.62 -36.62
N PRO C 205 -4.06 4.86 -37.89
CA PRO C 205 -3.62 3.77 -38.76
C PRO C 205 -2.15 3.49 -38.45
N LEU C 206 -1.83 2.29 -37.97
CA LEU C 206 -0.41 1.87 -37.78
C LEU C 206 -0.02 1.06 -39.02
N SER C 207 1.02 1.48 -39.73
CA SER C 207 1.56 0.76 -40.92
C SER C 207 2.37 -0.45 -40.44
N HIS C 208 2.51 -1.48 -41.27
CA HIS C 208 3.43 -2.62 -41.01
C HIS C 208 4.82 -2.09 -40.64
N GLY C 209 5.24 -1.01 -41.32
CA GLY C 209 6.56 -0.37 -41.13
C GLY C 209 6.67 0.29 -39.76
N ASN C 210 5.63 1.01 -39.34
CA ASN C 210 5.51 1.59 -37.98
C ASN C 210 5.85 0.50 -36.96
N ILE C 211 5.15 -0.62 -37.05
CA ILE C 211 5.16 -1.73 -36.05
C ILE C 211 6.48 -2.51 -36.17
N ALA C 212 7.03 -2.64 -37.37
CA ALA C 212 8.29 -3.37 -37.61
C ALA C 212 9.44 -2.64 -36.90
N HIS C 213 9.47 -1.31 -36.95
CA HIS C 213 10.51 -0.51 -36.25
C HIS C 213 10.40 -0.75 -34.74
N TYR C 214 9.16 -0.83 -34.22
CA TYR C 214 8.87 -1.10 -32.79
C TYR C 214 9.53 -2.42 -32.38
N PHE C 215 9.24 -3.50 -33.12
CA PHE C 215 9.64 -4.89 -32.74
C PHE C 215 11.14 -5.12 -33.03
N GLU C 216 11.76 -4.29 -33.85
CA GLU C 216 13.23 -4.34 -34.06
C GLU C 216 13.90 -3.89 -32.76
N VAL C 217 13.39 -2.83 -32.15
CA VAL C 217 13.88 -2.26 -30.86
C VAL C 217 13.65 -3.29 -29.75
N LEU C 218 12.48 -3.94 -29.69
CA LEU C 218 12.13 -4.92 -28.63
C LEU C 218 12.89 -6.24 -28.87
N ASP C 219 13.06 -6.66 -30.12
CA ASP C 219 13.77 -7.92 -30.47
C ASP C 219 15.23 -7.85 -29.99
N ALA C 220 15.84 -6.66 -30.09
CA ALA C 220 17.24 -6.39 -29.72
C ALA C 220 17.39 -6.22 -28.19
N ARG C 221 16.41 -5.60 -27.52
CA ARG C 221 16.43 -5.24 -26.07
C ARG C 221 16.17 -6.49 -25.20
N TYR C 222 15.28 -7.39 -25.63
CA TYR C 222 14.76 -8.51 -24.79
C TYR C 222 15.29 -9.82 -25.35
N ASP C 223 15.05 -10.92 -24.65
CA ASP C 223 15.67 -12.23 -24.93
C ASP C 223 14.60 -13.31 -24.93
N PHE C 224 13.41 -13.04 -25.49
CA PHE C 224 12.27 -13.98 -25.41
C PHE C 224 12.59 -15.20 -26.30
N THR C 225 12.21 -16.39 -25.83
CA THR C 225 12.32 -17.68 -26.55
C THR C 225 10.94 -18.36 -26.57
N ALA C 226 10.83 -19.48 -27.29
CA ALA C 226 9.59 -20.26 -27.48
C ALA C 226 9.18 -20.95 -26.16
N ASP C 227 10.03 -20.90 -25.13
CA ASP C 227 9.75 -21.48 -23.79
C ASP C 227 8.92 -20.49 -22.96
N ASP C 228 8.96 -19.21 -23.30
CA ASP C 228 8.30 -18.13 -22.53
C ASP C 228 6.79 -18.27 -22.64
N VAL C 229 6.08 -17.91 -21.57
CA VAL C 229 4.60 -17.84 -21.50
C VAL C 229 4.25 -16.41 -21.10
N PHE C 230 3.64 -15.65 -22.01
CA PHE C 230 3.26 -14.22 -21.84
C PHE C 230 1.80 -14.14 -21.40
N THR C 231 1.50 -13.19 -20.54
CA THR C 231 0.12 -12.81 -20.14
C THR C 231 -0.54 -12.16 -21.35
N GLN C 232 -1.87 -12.18 -21.42
CA GLN C 232 -2.66 -11.36 -22.38
C GLN C 232 -3.73 -10.59 -21.59
N THR C 233 -3.29 -9.60 -20.80
CA THR C 233 -4.19 -8.76 -19.95
C THR C 233 -4.80 -7.59 -20.72
N PHE C 234 -4.13 -7.05 -21.72
CA PHE C 234 -4.64 -5.88 -22.50
C PHE C 234 -5.77 -6.32 -23.44
N ASP C 235 -6.88 -5.58 -23.41
CA ASP C 235 -8.00 -5.74 -24.36
C ASP C 235 -7.48 -5.36 -25.76
N LEU C 236 -8.04 -6.00 -26.79
CA LEU C 236 -7.46 -6.03 -28.15
C LEU C 236 -7.69 -4.71 -28.88
N ASN C 237 -8.58 -3.85 -28.40
CA ASN C 237 -8.73 -2.46 -28.93
C ASN C 237 -7.63 -1.53 -28.39
N PHE C 238 -6.71 -2.01 -27.54
CA PHE C 238 -5.65 -1.17 -26.91
C PHE C 238 -4.29 -1.54 -27.50
N CYS C 239 -3.46 -0.53 -27.80
CA CYS C 239 -2.14 -0.67 -28.47
C CYS C 239 -1.28 -1.74 -27.76
N CYS C 240 -1.32 -1.82 -26.44
CA CYS C 240 -0.38 -2.67 -25.65
C CYS C 240 -0.67 -4.14 -25.87
N SER C 241 -1.84 -4.50 -26.39
CA SER C 241 -2.19 -5.91 -26.79
C SER C 241 -1.22 -6.40 -27.88
N LEU C 242 -0.65 -5.50 -28.69
CA LEU C 242 0.32 -5.84 -29.76
C LEU C 242 1.57 -6.46 -29.14
N PHE C 243 2.03 -5.88 -28.03
CA PHE C 243 3.17 -6.40 -27.23
C PHE C 243 2.84 -7.84 -26.83
N ASP C 244 1.71 -8.06 -26.17
CA ASP C 244 1.33 -9.41 -25.70
C ASP C 244 1.42 -10.40 -26.87
N LEU C 245 0.76 -10.09 -27.98
CA LEU C 245 0.55 -11.06 -29.09
C LEU C 245 1.86 -11.24 -29.88
N PHE C 246 2.52 -10.14 -30.22
CA PHE C 246 3.58 -10.14 -31.26
C PHE C 246 4.98 -10.24 -30.63
N CYS C 247 5.17 -9.98 -29.33
CA CYS C 247 6.42 -10.40 -28.65
C CYS C 247 6.39 -11.92 -28.50
N ALA C 248 5.23 -12.47 -28.12
CA ALA C 248 5.04 -13.93 -27.96
C ALA C 248 5.25 -14.63 -29.31
N TRP C 249 4.45 -14.23 -30.31
CA TRP C 249 4.34 -14.95 -31.60
C TRP C 249 5.66 -14.87 -32.38
N GLY C 250 6.28 -13.67 -32.44
CA GLY C 250 7.62 -13.43 -33.01
C GLY C 250 8.67 -14.38 -32.47
N ALA C 251 8.49 -14.92 -31.26
CA ALA C 251 9.51 -15.71 -30.52
C ALA C 251 9.15 -17.19 -30.47
N GLY C 252 7.96 -17.59 -30.93
CA GLY C 252 7.46 -18.97 -30.75
C GLY C 252 6.90 -19.23 -29.36
N ALA C 253 6.72 -18.19 -28.57
CA ALA C 253 6.17 -18.29 -27.20
C ALA C 253 4.65 -18.50 -27.26
N SER C 254 3.99 -18.58 -26.11
CA SER C 254 2.52 -18.64 -26.00
C SER C 254 2.01 -17.44 -25.19
N VAL C 255 0.90 -16.84 -25.62
CA VAL C 255 0.09 -15.91 -24.78
C VAL C 255 -0.98 -16.75 -24.10
N ILE C 256 -1.25 -16.42 -22.83
CA ILE C 256 -2.20 -17.19 -21.96
C ILE C 256 -3.26 -16.22 -21.42
N GLN C 257 -4.47 -16.74 -21.21
CA GLN C 257 -5.53 -16.05 -20.46
C GLN C 257 -5.09 -15.81 -19.02
N ILE C 258 -5.13 -14.56 -18.57
CA ILE C 258 -5.15 -14.22 -17.12
C ILE C 258 -6.60 -13.91 -16.73
N PRO C 259 -7.38 -14.94 -16.31
CA PRO C 259 -8.80 -14.77 -16.02
C PRO C 259 -9.07 -14.09 -14.69
N PRO C 260 -10.30 -13.56 -14.49
CA PRO C 260 -10.61 -12.71 -13.34
C PRO C 260 -10.21 -13.33 -11.99
N GLN C 261 -10.44 -14.62 -11.81
CA GLN C 261 -10.14 -15.33 -10.53
C GLN C 261 -8.62 -15.46 -10.27
N ALA C 262 -7.75 -15.37 -11.29
CA ALA C 262 -6.29 -15.45 -11.06
C ALA C 262 -5.86 -14.28 -10.16
N TYR C 263 -6.57 -13.15 -10.23
CA TYR C 263 -6.18 -11.90 -9.54
C TYR C 263 -6.29 -12.06 -8.01
N ARG C 264 -7.01 -13.07 -7.51
CA ARG C 264 -7.10 -13.32 -6.05
C ARG C 264 -6.20 -14.50 -5.66
N ASP C 265 -5.45 -15.08 -6.60
CA ASP C 265 -4.43 -16.13 -6.31
C ASP C 265 -3.42 -16.22 -7.48
N LEU C 266 -2.68 -15.14 -7.70
CA LEU C 266 -1.75 -14.99 -8.83
C LEU C 266 -0.61 -16.00 -8.73
N PRO C 267 0.06 -16.17 -7.54
CA PRO C 267 1.09 -17.20 -7.39
C PRO C 267 0.69 -18.56 -7.96
N SER C 268 -0.48 -19.11 -7.56
CA SER C 268 -0.98 -20.43 -8.02
C SER C 268 -1.18 -20.40 -9.54
N HIS C 269 -1.76 -19.33 -10.07
CA HIS C 269 -2.07 -19.25 -11.52
C HIS C 269 -0.76 -19.19 -12.31
N LEU C 270 0.15 -18.29 -11.92
CA LEU C 270 1.45 -18.14 -12.64
C LEU C 270 2.22 -19.47 -12.58
N ALA C 271 2.23 -20.15 -11.43
CA ALA C 271 2.98 -21.40 -11.19
C ALA C 271 2.37 -22.53 -12.02
N GLU C 272 1.07 -22.79 -11.90
CA GLU C 272 0.36 -23.83 -12.68
C GLU C 272 0.67 -23.66 -14.17
N GLN C 273 0.67 -22.42 -14.68
CA GLN C 273 0.66 -22.16 -16.15
C GLN C 273 2.08 -21.84 -16.64
N GLY C 274 3.08 -21.81 -15.75
CA GLY C 274 4.49 -21.51 -16.09
C GLY C 274 4.64 -20.14 -16.73
N VAL C 275 3.91 -19.11 -16.29
CA VAL C 275 3.99 -17.75 -16.88
C VAL C 275 5.38 -17.17 -16.59
N THR C 276 6.03 -16.54 -17.56
CA THR C 276 7.39 -15.98 -17.40
C THR C 276 7.44 -14.49 -17.77
N VAL C 277 6.40 -13.98 -18.43
CA VAL C 277 6.33 -12.54 -18.80
C VAL C 277 4.97 -11.97 -18.37
N TRP C 278 5.03 -10.99 -17.46
CA TRP C 278 3.88 -10.19 -17.00
C TRP C 278 3.88 -8.86 -17.77
N PHE C 279 2.73 -8.47 -18.33
CA PHE C 279 2.48 -7.10 -18.82
C PHE C 279 1.06 -6.71 -18.38
N SER C 280 0.92 -5.59 -17.68
CA SER C 280 -0.40 -5.01 -17.31
C SER C 280 -0.24 -3.51 -17.06
N THR C 281 -1.35 -2.87 -16.71
CA THR C 281 -1.38 -1.50 -16.17
C THR C 281 -0.87 -1.57 -14.73
N PRO C 282 -0.31 -0.47 -14.19
CA PRO C 282 0.09 -0.43 -12.78
C PRO C 282 -1.02 -0.78 -11.79
N SER C 283 -2.27 -0.41 -12.10
CA SER C 283 -3.47 -0.72 -11.28
C SER C 283 -3.45 -2.16 -10.80
N SER C 284 -2.95 -3.10 -11.60
CA SER C 284 -3.09 -4.54 -11.29
C SER C 284 -2.23 -4.91 -10.08
N ILE C 285 -1.17 -4.14 -9.81
CA ILE C 285 -0.29 -4.31 -8.63
C ILE C 285 -1.13 -4.16 -7.35
N ALA C 286 -1.75 -3.00 -7.15
CA ALA C 286 -2.68 -2.74 -6.02
C ALA C 286 -3.80 -3.79 -5.98
N LEU C 287 -4.31 -4.22 -7.13
CA LEU C 287 -5.39 -5.24 -7.16
C LEU C 287 -4.89 -6.56 -6.59
N VAL C 288 -3.79 -7.06 -7.11
CA VAL C 288 -3.21 -8.37 -6.70
C VAL C 288 -2.79 -8.30 -5.23
N ARG C 289 -2.21 -7.19 -4.80
CA ARG C 289 -1.74 -7.02 -3.40
C ARG C 289 -2.96 -7.11 -2.47
N ARG C 290 -4.01 -6.35 -2.74
CA ARG C 290 -5.23 -6.34 -1.89
C ARG C 290 -5.80 -7.77 -1.75
N LEU C 291 -5.91 -8.54 -2.83
CA LEU C 291 -6.76 -9.77 -2.87
C LEU C 291 -5.98 -11.03 -2.48
N GLY C 292 -4.68 -11.11 -2.76
CA GLY C 292 -3.88 -12.31 -2.42
C GLY C 292 -2.51 -11.97 -1.88
N GLY C 293 -2.31 -10.72 -1.52
CA GLY C 293 -0.99 -10.15 -1.20
C GLY C 293 -0.06 -10.15 -2.41
N LEU C 294 1.11 -9.50 -2.22
CA LEU C 294 2.32 -9.53 -3.08
C LEU C 294 3.50 -9.91 -2.19
N ALA C 295 3.42 -11.06 -1.54
CA ALA C 295 4.34 -11.45 -0.47
C ALA C 295 5.71 -11.63 -1.13
N PRO C 296 6.84 -11.20 -0.52
CA PRO C 296 8.14 -11.34 -1.14
C PRO C 296 8.41 -12.80 -1.54
N GLY C 297 8.87 -13.02 -2.78
CA GLY C 297 9.29 -14.34 -3.26
C GLY C 297 8.11 -15.21 -3.67
N SER C 298 6.92 -14.62 -3.82
CA SER C 298 5.64 -15.33 -4.12
C SER C 298 5.47 -15.58 -5.63
N LEU C 299 6.19 -14.85 -6.49
CA LEU C 299 6.11 -14.93 -7.97
C LEU C 299 7.47 -15.32 -8.57
N PRO C 300 7.99 -16.54 -8.28
CA PRO C 300 9.29 -16.95 -8.79
C PRO C 300 9.37 -17.28 -10.29
N THR C 301 8.25 -17.56 -10.95
CA THR C 301 8.26 -18.01 -12.37
C THR C 301 8.56 -16.83 -13.28
N LEU C 302 8.33 -15.59 -12.82
CA LEU C 302 8.44 -14.40 -13.70
C LEU C 302 9.92 -14.12 -14.00
N ARG C 303 10.26 -13.88 -15.28
CA ARG C 303 11.57 -13.37 -15.75
C ARG C 303 11.44 -11.89 -16.15
N TRP C 304 10.27 -11.47 -16.63
CA TRP C 304 10.04 -10.09 -17.11
C TRP C 304 8.68 -9.61 -16.59
N SER C 305 8.65 -8.39 -16.03
CA SER C 305 7.44 -7.71 -15.52
C SER C 305 7.38 -6.33 -16.17
N PHE C 306 6.36 -6.08 -16.99
CA PHE C 306 6.24 -4.84 -17.78
C PHE C 306 4.99 -4.11 -17.27
N PHE C 307 5.07 -2.79 -17.12
CA PHE C 307 3.93 -1.92 -16.73
C PHE C 307 3.87 -0.76 -17.70
N ALA C 308 2.65 -0.43 -18.17
CA ALA C 308 2.39 0.76 -19.02
C ALA C 308 0.96 1.24 -18.83
N GLY C 309 0.71 2.54 -19.04
CA GLY C 309 -0.63 3.09 -19.32
C GLY C 309 -1.09 4.04 -18.25
N GLU C 310 -0.39 4.09 -17.12
CA GLU C 310 -0.65 5.05 -16.02
C GLU C 310 0.72 5.33 -15.39
N ALA C 311 0.82 6.41 -14.60
CA ALA C 311 1.95 6.65 -13.69
C ALA C 311 2.20 5.39 -12.88
N LEU C 312 3.41 4.85 -12.90
CA LEU C 312 3.80 3.69 -12.07
C LEU C 312 4.47 4.21 -10.78
N LYS C 313 3.95 3.84 -9.61
CA LYS C 313 4.47 4.31 -8.30
C LYS C 313 5.65 3.42 -7.87
N CYS C 314 6.70 4.03 -7.35
CA CYS C 314 7.92 3.37 -6.82
C CYS C 314 7.57 2.31 -5.79
N ALA C 315 6.67 2.63 -4.85
CA ALA C 315 6.27 1.74 -3.73
C ALA C 315 5.59 0.49 -4.30
N ASP C 316 4.74 0.65 -5.32
CA ASP C 316 4.09 -0.47 -6.04
C ASP C 316 5.14 -1.33 -6.77
N THR C 317 6.13 -0.70 -7.42
CA THR C 317 7.15 -1.42 -8.22
C THR C 317 8.02 -2.28 -7.30
N GLU C 318 8.36 -1.72 -6.14
CA GLU C 318 9.17 -2.39 -5.10
C GLU C 318 8.44 -3.62 -4.57
N ASP C 319 7.13 -3.52 -4.26
CA ASP C 319 6.38 -4.71 -3.81
C ASP C 319 6.44 -5.74 -4.92
N TRP C 320 6.22 -5.33 -6.18
CA TRP C 320 6.20 -6.29 -7.32
C TRP C 320 7.62 -6.89 -7.48
N GLN C 321 8.69 -6.10 -7.38
CA GLN C 321 10.08 -6.63 -7.57
C GLN C 321 10.41 -7.66 -6.48
N ARG C 322 10.06 -7.37 -5.22
CA ARG C 322 10.31 -8.28 -4.08
C ARG C 322 9.41 -9.52 -4.19
N ALA C 323 8.23 -9.42 -4.79
CA ALA C 323 7.39 -10.60 -5.07
C ALA C 323 8.04 -11.46 -6.17
N ALA C 324 8.61 -10.82 -7.18
CA ALA C 324 9.18 -11.45 -8.39
C ALA C 324 10.68 -11.19 -8.45
N PRO C 325 11.47 -11.78 -7.52
CA PRO C 325 12.87 -11.36 -7.36
C PRO C 325 13.78 -11.88 -8.48
N ALA C 326 13.38 -12.94 -9.20
CA ALA C 326 14.07 -13.42 -10.43
C ALA C 326 13.67 -12.60 -11.66
N SER C 327 12.80 -11.60 -11.54
CA SER C 327 12.24 -10.84 -12.69
C SER C 327 12.98 -9.52 -12.89
N PHE C 328 13.18 -9.09 -14.13
CA PHE C 328 13.49 -7.67 -14.44
C PHE C 328 12.14 -6.96 -14.49
N VAL C 329 12.06 -5.77 -13.92
CA VAL C 329 10.82 -4.95 -13.91
C VAL C 329 11.09 -3.73 -14.77
N GLU C 330 10.23 -3.48 -15.75
CA GLU C 330 10.38 -2.30 -16.63
C GLU C 330 9.06 -1.53 -16.66
N ASN C 331 9.19 -0.21 -16.65
CA ASN C 331 8.15 0.79 -16.97
C ASN C 331 8.19 1.06 -18.48
N LEU C 332 7.08 0.86 -19.19
CA LEU C 332 6.98 1.19 -20.63
C LEU C 332 5.96 2.33 -20.79
N TYR C 333 6.30 3.31 -21.61
CA TYR C 333 5.46 4.49 -21.91
C TYR C 333 5.32 4.66 -23.42
N GLY C 334 4.14 5.09 -23.85
CA GLY C 334 3.91 5.64 -25.20
C GLY C 334 2.43 5.70 -25.56
N PRO C 335 2.00 6.68 -26.37
CA PRO C 335 0.65 6.73 -26.91
C PRO C 335 0.49 5.89 -28.19
N THR C 336 -0.75 5.55 -28.52
CA THR C 336 -1.14 4.76 -29.72
C THR C 336 -0.46 5.37 -30.97
N GLU C 337 -0.36 6.70 -31.02
CA GLU C 337 0.10 7.50 -32.17
C GLU C 337 1.60 7.29 -32.43
N LEU C 338 2.36 6.72 -31.50
CA LEU C 338 3.81 6.42 -31.71
C LEU C 338 4.05 4.90 -31.68
N THR C 339 3.03 4.12 -32.03
CA THR C 339 3.10 2.64 -32.14
C THR C 339 3.52 2.06 -30.79
N VAL C 340 2.55 1.94 -29.88
CA VAL C 340 2.59 1.18 -28.61
C VAL C 340 3.48 1.90 -27.59
N THR C 341 4.79 1.67 -27.53
CA THR C 341 5.68 2.31 -26.52
C THR C 341 6.91 2.91 -27.20
N VAL C 342 7.46 3.98 -26.60
CA VAL C 342 8.62 4.75 -27.14
C VAL C 342 9.70 4.86 -26.08
N THR C 343 9.45 4.45 -24.82
CA THR C 343 10.48 4.46 -23.76
C THR C 343 10.43 3.15 -22.97
N ALA C 344 11.48 2.90 -22.19
CA ALA C 344 11.60 1.75 -21.29
C ALA C 344 12.63 2.10 -20.20
N HIS C 345 12.22 2.00 -18.93
CA HIS C 345 13.10 2.23 -17.76
C HIS C 345 13.17 0.94 -16.94
N ARG C 346 14.37 0.44 -16.68
CA ARG C 346 14.54 -0.74 -15.79
C ARG C 346 14.48 -0.26 -14.35
N TRP C 347 13.59 -0.85 -13.54
CA TRP C 347 13.46 -0.53 -12.11
C TRP C 347 14.75 -0.95 -11.39
N SER C 348 15.37 -0.01 -10.70
CA SER C 348 16.49 -0.21 -9.77
C SER C 348 16.13 0.50 -8.46
N PRO C 349 15.94 -0.25 -7.35
CA PRO C 349 15.54 0.33 -6.06
C PRO C 349 16.38 1.55 -5.65
N GLU C 350 17.65 1.60 -6.05
CA GLU C 350 18.67 2.60 -5.62
C GLU C 350 18.61 3.85 -6.53
N VAL C 351 18.25 3.68 -7.81
CA VAL C 351 18.34 4.74 -8.86
C VAL C 351 16.95 5.35 -9.16
N SER C 352 15.96 4.51 -9.45
CA SER C 352 14.65 4.91 -10.02
C SER C 352 13.97 5.99 -9.18
N PRO C 353 13.87 5.84 -7.83
CA PRO C 353 13.22 6.86 -7.00
C PRO C 353 13.99 8.19 -6.97
N VAL C 354 15.30 8.11 -7.19
CA VAL C 354 16.22 9.28 -7.23
C VAL C 354 15.95 10.03 -8.53
N VAL C 355 16.07 9.32 -9.67
CA VAL C 355 15.82 9.90 -11.02
C VAL C 355 14.35 10.32 -11.11
N GLY C 356 13.43 9.46 -10.67
CA GLY C 356 11.98 9.73 -10.73
C GLY C 356 11.51 10.82 -9.77
N ALA C 357 10.31 11.36 -9.99
CA ALA C 357 9.67 12.46 -9.22
C ALA C 357 8.33 11.99 -8.64
N ASN C 358 7.88 12.59 -7.55
CA ASN C 358 6.49 12.44 -6.99
C ASN C 358 6.17 10.96 -6.71
N GLY C 359 7.18 10.17 -6.32
CA GLY C 359 7.02 8.75 -5.95
C GLY C 359 6.65 7.88 -7.14
N VAL C 360 6.90 8.35 -8.35
CA VAL C 360 6.51 7.74 -9.65
C VAL C 360 7.80 7.29 -10.36
N VAL C 361 7.79 6.11 -10.98
CA VAL C 361 8.99 5.51 -11.64
C VAL C 361 9.20 6.24 -12.97
N PRO C 362 10.46 6.58 -13.36
CA PRO C 362 10.69 7.23 -14.65
C PRO C 362 10.24 6.36 -15.83
N ILE C 363 10.07 6.97 -17.00
CA ILE C 363 9.57 6.26 -18.23
C ILE C 363 10.76 5.72 -19.02
N GLY C 364 11.94 6.35 -18.88
CA GLY C 364 13.22 5.84 -19.42
C GLY C 364 13.64 6.57 -20.69
N PRO C 365 14.78 6.16 -21.29
CA PRO C 365 15.23 6.76 -22.56
C PRO C 365 14.46 6.31 -23.81
N LEU C 366 14.28 7.24 -24.75
CA LEU C 366 13.62 7.05 -26.07
C LEU C 366 14.21 5.84 -26.80
N HIS C 367 13.35 5.09 -27.48
CA HIS C 367 13.72 4.00 -28.43
C HIS C 367 14.81 4.47 -29.41
N LYS C 368 15.85 3.65 -29.60
CA LYS C 368 16.86 3.79 -30.67
C LYS C 368 16.16 4.02 -32.02
N GLY C 369 16.52 5.09 -32.74
CA GLY C 369 15.99 5.39 -34.09
C GLY C 369 14.87 6.42 -34.05
N LEU C 370 14.35 6.71 -32.86
CA LEU C 370 13.40 7.84 -32.66
C LEU C 370 14.20 9.04 -32.18
N ASP C 371 13.60 10.23 -32.24
CA ASP C 371 14.18 11.50 -31.73
C ASP C 371 13.08 12.24 -30.99
N HIS C 372 13.46 12.99 -29.95
CA HIS C 372 12.54 13.80 -29.13
C HIS C 372 13.01 15.24 -29.16
N VAL C 373 12.05 16.17 -29.07
CA VAL C 373 12.31 17.58 -28.67
C VAL C 373 11.33 17.92 -27.55
N LEU C 374 11.78 18.64 -26.53
CA LEU C 374 10.91 19.12 -25.42
C LEU C 374 10.46 20.53 -25.76
N ILE C 375 9.16 20.72 -25.90
CA ILE C 375 8.51 22.02 -26.23
C ILE C 375 7.88 22.55 -24.94
N ASP C 376 8.30 23.74 -24.49
CA ASP C 376 7.69 24.45 -23.32
C ASP C 376 6.30 24.96 -23.74
N ALA C 377 5.60 25.66 -22.84
CA ALA C 377 4.17 26.07 -22.99
C ALA C 377 4.02 27.13 -24.09
N GLY C 378 5.14 27.76 -24.49
CA GLY C 378 5.19 28.81 -25.53
C GLY C 378 5.51 28.27 -26.92
N GLY C 379 5.70 26.96 -27.06
CA GLY C 379 6.02 26.32 -28.34
C GLY C 379 7.50 26.43 -28.67
N LEU C 380 8.35 26.68 -27.68
CA LEU C 380 9.82 26.86 -27.86
C LEU C 380 10.55 25.65 -27.27
N PRO C 381 11.60 25.14 -27.97
CA PRO C 381 12.43 24.06 -27.42
C PRO C 381 13.07 24.43 -26.09
N HIS C 382 13.21 23.45 -25.21
CA HIS C 382 13.88 23.56 -23.89
C HIS C 382 14.85 22.38 -23.77
N PRO C 383 16.08 22.58 -23.23
CA PRO C 383 17.06 21.51 -23.18
C PRO C 383 16.63 20.28 -22.35
N ASP C 384 15.80 20.41 -21.32
CA ASP C 384 15.59 19.32 -20.34
C ASP C 384 14.16 19.24 -19.78
N THR C 385 13.25 20.18 -20.02
CA THR C 385 11.85 20.18 -19.48
C THR C 385 10.85 20.79 -20.45
N GLY C 386 9.81 20.03 -20.82
CA GLY C 386 8.68 20.51 -21.64
C GLY C 386 7.83 19.36 -22.12
N GLU C 387 6.89 19.64 -23.03
CA GLU C 387 6.05 18.61 -23.70
C GLU C 387 6.97 17.71 -24.53
N LEU C 388 6.91 16.40 -24.28
CA LEU C 388 7.60 15.37 -25.11
C LEU C 388 6.95 15.32 -26.49
N CYS C 389 7.72 15.59 -27.55
CA CYS C 389 7.33 15.39 -28.97
C CYS C 389 8.33 14.43 -29.61
N VAL C 390 7.81 13.50 -30.43
CA VAL C 390 8.61 12.37 -30.96
C VAL C 390 8.43 12.30 -32.48
N THR C 391 9.50 11.98 -33.18
CA THR C 391 9.53 11.68 -34.62
C THR C 391 10.35 10.42 -34.85
N GLY C 392 10.37 9.91 -36.08
CA GLY C 392 11.04 8.64 -36.46
C GLY C 392 10.00 7.65 -36.97
N PRO C 393 10.43 6.43 -37.37
CA PRO C 393 9.57 5.48 -38.06
C PRO C 393 8.39 4.89 -37.28
N GLN C 394 8.32 5.10 -35.95
CA GLN C 394 7.22 4.61 -35.08
C GLN C 394 6.05 5.60 -35.08
N MET C 395 6.28 6.84 -35.51
CA MET C 395 5.22 7.88 -35.59
C MET C 395 4.20 7.52 -36.69
N ALA C 396 2.92 7.40 -36.34
CA ALA C 396 1.81 7.19 -37.30
C ALA C 396 1.85 8.31 -38.34
N GLY C 397 1.86 9.56 -37.88
CA GLY C 397 2.01 10.76 -38.71
C GLY C 397 0.66 11.37 -39.07
N ARG C 398 -0.44 10.70 -38.76
CA ARG C 398 -1.80 11.17 -39.11
C ARG C 398 -2.87 10.36 -38.35
N TYR C 399 -4.06 10.93 -38.28
CA TYR C 399 -5.32 10.22 -37.98
C TYR C 399 -6.07 9.91 -39.28
N LEU C 400 -7.04 9.00 -39.24
CA LEU C 400 -7.91 8.64 -40.40
C LEU C 400 -8.60 9.90 -40.90
N ASP C 401 -9.10 10.71 -39.96
CA ASP C 401 -9.80 11.99 -40.26
C ASP C 401 -8.78 13.14 -40.15
N PRO C 402 -8.39 13.77 -41.28
CA PRO C 402 -7.37 14.82 -41.27
C PRO C 402 -7.64 15.96 -40.27
N ALA C 403 -8.91 16.23 -39.95
CA ALA C 403 -9.35 17.27 -39.00
C ALA C 403 -8.74 17.05 -37.61
N ASP C 404 -8.56 15.78 -37.21
CA ASP C 404 -8.02 15.39 -35.88
C ASP C 404 -6.54 15.79 -35.76
N ASP C 405 -5.83 15.98 -36.90
CA ASP C 405 -4.38 16.28 -36.94
C ASP C 405 -4.06 17.61 -36.24
N HIS C 406 -4.97 18.60 -36.23
CA HIS C 406 -4.63 19.99 -35.84
C HIS C 406 -4.26 20.04 -34.35
N GLY C 407 -3.07 20.55 -34.04
CA GLY C 407 -2.56 20.74 -32.67
C GLY C 407 -1.83 19.52 -32.14
N ARG C 408 -1.87 18.38 -32.85
CA ARG C 408 -1.31 17.08 -32.38
C ARG C 408 0.03 16.81 -33.08
N PHE C 409 0.42 17.65 -34.05
CA PHE C 409 1.73 17.54 -34.74
C PHE C 409 2.44 18.89 -34.64
N LEU C 410 3.77 18.84 -34.63
CA LEU C 410 4.67 20.01 -34.55
C LEU C 410 5.54 20.00 -35.80
N ASP C 411 5.82 21.18 -36.35
CA ASP C 411 6.81 21.36 -37.45
C ASP C 411 8.01 22.08 -36.85
N HIS C 412 9.16 21.40 -36.82
CA HIS C 412 10.41 21.86 -36.18
C HIS C 412 11.61 21.16 -36.84
N ASP C 413 12.66 21.91 -37.16
CA ASP C 413 13.90 21.42 -37.83
C ASP C 413 13.53 20.65 -39.11
N GLY C 414 12.48 21.10 -39.82
CA GLY C 414 12.05 20.56 -41.13
C GLY C 414 11.56 19.11 -41.05
N ARG C 415 11.04 18.71 -39.88
CA ARG C 415 10.53 17.34 -39.61
C ARG C 415 9.20 17.43 -38.85
N ARG C 416 8.32 16.45 -39.06
CA ARG C 416 6.99 16.34 -38.40
C ARG C 416 7.16 15.51 -37.12
N TRP C 417 6.81 16.07 -35.96
CA TRP C 417 6.84 15.36 -34.65
C TRP C 417 5.40 15.20 -34.16
N TYR C 418 5.10 14.10 -33.46
CA TYR C 418 3.83 13.94 -32.70
C TYR C 418 3.99 14.58 -31.32
N ARG C 419 2.94 15.27 -30.87
CA ARG C 419 2.84 16.01 -29.59
C ARG C 419 2.02 15.19 -28.58
N THR C 420 2.70 14.64 -27.56
CA THR C 420 2.14 13.65 -26.62
C THR C 420 1.13 14.30 -25.68
N GLY C 421 1.28 15.59 -25.36
CA GLY C 421 0.54 16.24 -24.27
C GLY C 421 1.13 15.94 -22.90
N ASP C 422 2.21 15.14 -22.84
CA ASP C 422 2.88 14.70 -21.59
C ASP C 422 4.08 15.60 -21.29
N ARG C 423 4.07 16.31 -20.16
CA ARG C 423 5.24 17.10 -19.66
C ARG C 423 6.26 16.13 -19.05
N VAL C 424 7.51 16.20 -19.50
CA VAL C 424 8.60 15.28 -19.04
C VAL C 424 9.84 16.11 -18.70
N ARG C 425 10.73 15.57 -17.88
CA ARG C 425 12.10 16.10 -17.67
C ARG C 425 13.11 15.08 -18.22
N LEU C 426 14.20 15.57 -18.82
CA LEU C 426 15.31 14.76 -19.38
C LEU C 426 16.48 14.84 -18.38
N ALA C 427 16.99 13.68 -17.96
CA ALA C 427 17.94 13.50 -16.85
C ALA C 427 19.27 13.01 -17.41
N PRO C 428 20.34 12.89 -16.57
CA PRO C 428 21.57 12.25 -17.02
C PRO C 428 21.26 10.85 -17.60
N GLY C 429 22.01 10.47 -18.63
CA GLY C 429 21.91 9.14 -19.28
C GLY C 429 20.78 9.05 -20.28
N GLY C 430 20.01 10.13 -20.50
CA GLY C 430 18.85 10.13 -21.42
C GLY C 430 17.54 9.61 -20.78
N GLU C 431 17.51 9.45 -19.46
CA GLU C 431 16.31 8.95 -18.74
C GLU C 431 15.25 10.05 -18.78
N LEU C 432 14.04 9.74 -19.24
CA LEU C 432 12.88 10.67 -19.26
C LEU C 432 12.01 10.41 -18.04
N VAL C 433 11.44 11.46 -17.47
CA VAL C 433 10.67 11.41 -16.20
C VAL C 433 9.34 12.11 -16.47
N TYR C 434 8.24 11.43 -16.18
CA TYR C 434 6.87 11.93 -16.41
C TYR C 434 6.53 12.93 -15.31
N LEU C 435 6.03 14.12 -15.67
CA LEU C 435 5.72 15.21 -14.72
C LEU C 435 4.21 15.44 -14.63
N GLY C 436 3.45 15.16 -15.69
CA GLY C 436 2.00 15.44 -15.75
C GLY C 436 1.57 15.83 -17.16
N ARG C 437 0.30 16.15 -17.37
CA ARG C 437 -0.26 16.57 -18.67
C ARG C 437 -0.13 18.08 -18.80
N MET C 438 0.17 18.59 -20.00
CA MET C 438 0.27 20.04 -20.30
C MET C 438 -1.13 20.68 -20.32
N ASP C 439 -2.12 20.09 -19.63
CA ASP C 439 -3.51 20.62 -19.51
C ASP C 439 -3.67 21.35 -18.18
N VAL C 449 -1.21 28.20 -13.99
CA VAL C 449 -1.77 27.51 -12.79
C VAL C 449 -1.53 26.00 -12.93
N GLU C 450 -0.98 25.37 -11.89
CA GLU C 450 -0.85 23.89 -11.80
C GLU C 450 -2.17 23.34 -11.25
N LEU C 451 -2.93 22.59 -12.04
CA LEU C 451 -4.32 22.19 -11.70
C LEU C 451 -4.32 21.38 -10.40
N ALA C 452 -3.27 20.58 -10.16
CA ALA C 452 -3.11 19.76 -8.94
C ALA C 452 -3.00 20.67 -7.72
N GLU C 453 -2.30 21.80 -7.85
CA GLU C 453 -2.12 22.80 -6.76
C GLU C 453 -3.48 23.34 -6.32
N VAL C 454 -4.38 23.62 -7.28
CA VAL C 454 -5.75 24.16 -6.98
C VAL C 454 -6.57 23.03 -6.35
N ASP C 455 -6.52 21.81 -6.90
CA ASP C 455 -7.23 20.61 -6.37
C ASP C 455 -6.87 20.39 -4.90
N HIS C 456 -5.57 20.40 -4.57
CA HIS C 456 -5.04 20.15 -3.20
C HIS C 456 -5.65 21.14 -2.21
N ALA C 457 -5.65 22.44 -2.56
CA ALA C 457 -6.19 23.54 -1.73
C ALA C 457 -7.70 23.36 -1.51
N LEU C 458 -8.44 22.86 -2.51
CA LEU C 458 -9.93 22.74 -2.49
C LEU C 458 -10.36 21.54 -1.62
N GLN C 459 -9.51 20.52 -1.47
CA GLN C 459 -9.80 19.34 -0.61
C GLN C 459 -9.89 19.83 0.85
N GLY C 460 -9.10 20.85 1.20
CA GLY C 460 -9.09 21.48 2.53
C GLY C 460 -10.40 22.16 2.86
N CYS C 461 -11.18 22.59 1.87
CA CYS C 461 -12.47 23.31 2.04
C CYS C 461 -13.49 22.39 2.77
N GLU C 462 -14.42 23.01 3.49
CA GLU C 462 -15.31 22.32 4.47
C GLU C 462 -16.57 21.83 3.77
N GLY C 463 -16.97 20.58 4.03
CA GLY C 463 -18.12 19.91 3.38
C GLY C 463 -17.86 19.53 1.93
N VAL C 464 -16.60 19.35 1.54
CA VAL C 464 -16.18 18.95 0.16
C VAL C 464 -15.67 17.50 0.20
N GLY C 465 -16.28 16.60 -0.59
CA GLY C 465 -15.75 15.24 -0.79
C GLY C 465 -14.45 15.29 -1.57
N GLU C 466 -14.54 15.34 -2.90
CA GLU C 466 -13.40 15.54 -3.84
C GLU C 466 -13.68 16.79 -4.68
N ALA C 467 -12.62 17.46 -5.14
CA ALA C 467 -12.67 18.60 -6.07
C ALA C 467 -11.74 18.30 -7.25
N VAL C 468 -12.18 18.63 -8.48
CA VAL C 468 -11.38 18.57 -9.74
C VAL C 468 -11.47 19.93 -10.42
N THR C 469 -10.32 20.58 -10.63
CA THR C 469 -10.17 21.82 -11.44
C THR C 469 -9.74 21.40 -12.85
N VAL C 470 -10.35 21.98 -13.89
CA VAL C 470 -10.02 21.75 -15.34
C VAL C 470 -9.76 23.09 -16.01
N VAL C 481 -13.19 25.94 -14.22
CA VAL C 481 -14.44 25.42 -13.58
C VAL C 481 -14.04 24.29 -12.62
N VAL C 482 -14.63 24.28 -11.43
CA VAL C 482 -14.43 23.22 -10.39
C VAL C 482 -15.65 22.31 -10.40
N PHE C 483 -15.43 21.00 -10.54
CA PHE C 483 -16.43 19.93 -10.31
C PHE C 483 -16.12 19.34 -8.94
N TYR C 484 -17.13 19.07 -8.11
CA TYR C 484 -16.92 18.65 -6.70
C TYR C 484 -18.10 17.81 -6.19
N THR C 485 -17.80 16.77 -5.41
CA THR C 485 -18.80 15.96 -4.67
C THR C 485 -18.97 16.55 -3.25
N ALA C 486 -20.17 16.46 -2.69
CA ALA C 486 -20.49 17.01 -1.35
C ALA C 486 -21.89 16.58 -0.94
N PRO C 487 -22.16 16.47 0.38
CA PRO C 487 -23.50 16.19 0.87
C PRO C 487 -24.51 17.29 0.48
N ALA C 488 -24.07 18.54 0.45
CA ALA C 488 -24.88 19.74 0.10
C ALA C 488 -24.03 20.70 -0.71
N PRO C 489 -24.62 21.68 -1.42
CA PRO C 489 -23.83 22.68 -2.16
C PRO C 489 -22.94 23.48 -1.20
N VAL C 490 -21.78 23.94 -1.68
CA VAL C 490 -20.81 24.72 -0.86
C VAL C 490 -20.75 26.14 -1.44
N PRO C 491 -20.99 27.19 -0.63
CA PRO C 491 -20.95 28.57 -1.13
C PRO C 491 -19.63 28.87 -1.85
N PRO C 492 -19.66 29.45 -3.06
CA PRO C 492 -18.45 29.89 -3.76
C PRO C 492 -17.43 30.61 -2.85
N VAL C 493 -17.89 31.45 -1.93
CA VAL C 493 -17.04 32.27 -1.00
C VAL C 493 -16.12 31.34 -0.20
N ARG C 494 -16.63 30.15 0.16
CA ARG C 494 -15.88 29.17 1.00
C ARG C 494 -14.71 28.62 0.17
N PHE C 495 -14.98 28.24 -1.10
CA PHE C 495 -13.95 27.84 -2.09
C PHE C 495 -12.93 28.99 -2.22
N ALA C 496 -13.41 30.22 -2.48
CA ALA C 496 -12.60 31.43 -2.69
C ALA C 496 -11.68 31.68 -1.48
N ALA C 497 -12.21 31.57 -0.26
CA ALA C 497 -11.47 31.80 1.01
C ALA C 497 -10.23 30.90 1.05
N VAL C 498 -10.39 29.61 0.72
CA VAL C 498 -9.31 28.58 0.79
C VAL C 498 -8.29 28.80 -0.35
N LEU C 499 -8.60 29.64 -1.35
CA LEU C 499 -7.62 30.06 -2.39
C LEU C 499 -7.09 31.45 -2.03
N HIS C 511 -16.58 29.51 -11.11
CA HIS C 511 -17.55 28.45 -11.53
C HIS C 511 -17.32 27.18 -10.69
N TYR C 512 -18.32 26.80 -9.89
CA TYR C 512 -18.29 25.63 -8.97
C TYR C 512 -19.54 24.79 -9.23
N ARG C 513 -19.37 23.56 -9.74
CA ARG C 513 -20.48 22.66 -10.17
C ARG C 513 -20.49 21.41 -9.28
N HIS C 514 -21.48 21.32 -8.39
CA HIS C 514 -21.76 20.18 -7.49
C HIS C 514 -22.27 19.00 -8.34
N VAL C 515 -21.67 17.82 -8.20
CA VAL C 515 -22.09 16.57 -8.90
C VAL C 515 -22.16 15.43 -7.89
N ALA C 516 -22.95 14.39 -8.20
CA ALA C 516 -23.10 13.15 -7.40
C ALA C 516 -21.84 12.29 -7.51
N GLU C 517 -21.35 12.11 -8.74
CA GLU C 517 -20.31 11.12 -9.14
C GLU C 517 -19.33 11.82 -10.09
N LEU C 518 -18.03 11.64 -9.88
CA LEU C 518 -16.97 12.15 -10.79
C LEU C 518 -16.66 11.07 -11.82
N PRO C 519 -16.69 11.38 -13.13
CA PRO C 519 -16.57 10.35 -14.17
C PRO C 519 -15.16 9.74 -14.28
N LEU C 520 -15.09 8.46 -14.64
CA LEU C 520 -13.84 7.70 -14.90
C LEU C 520 -13.76 7.35 -16.39
N ARG C 528 -10.45 13.75 -16.36
CA ARG C 528 -10.25 15.20 -16.56
C ARG C 528 -10.58 15.59 -18.00
N ARG C 529 -10.44 14.64 -18.93
CA ARG C 529 -10.71 14.82 -20.38
C ARG C 529 -12.23 15.03 -20.56
N ALA C 530 -13.04 14.09 -20.08
CA ALA C 530 -14.53 14.16 -20.06
C ALA C 530 -14.98 15.47 -19.41
N LEU C 531 -14.42 15.81 -18.23
CA LEU C 531 -14.85 16.98 -17.41
C LEU C 531 -14.42 18.29 -18.07
N THR C 532 -13.27 18.33 -18.75
CA THR C 532 -12.81 19.51 -19.54
C THR C 532 -13.84 19.80 -20.63
N ALA C 533 -14.32 18.74 -21.32
CA ALA C 533 -15.35 18.83 -22.38
C ALA C 533 -16.66 19.36 -21.80
N ARG C 534 -17.08 18.85 -20.62
CA ARG C 534 -18.34 19.27 -19.96
C ARG C 534 -18.21 20.74 -19.54
N ALA C 535 -17.03 21.14 -19.04
CA ALA C 535 -16.70 22.54 -18.67
C ALA C 535 -16.92 23.45 -19.89
N GLU C 536 -16.38 23.05 -21.05
CA GLU C 536 -16.40 23.83 -22.33
C GLU C 536 -17.86 24.06 -22.77
N GLU C 537 -18.72 23.03 -22.67
CA GLU C 537 -20.12 23.08 -23.16
C GLU C 537 -21.00 23.88 -22.16
N LEU C 538 -20.40 24.57 -21.20
CA LEU C 538 -21.10 25.45 -20.23
C LEU C 538 -20.50 26.86 -20.30
N MET D 21 -33.90 -19.23 -2.16
CA MET D 21 -33.82 -17.95 -1.38
C MET D 21 -32.51 -17.92 -0.60
N TRP D 22 -31.56 -17.11 -1.08
CA TRP D 22 -30.20 -16.95 -0.50
C TRP D 22 -30.28 -16.29 0.87
N ASP D 23 -29.18 -16.31 1.63
CA ASP D 23 -29.12 -15.64 2.96
C ASP D 23 -28.82 -14.15 2.76
N ALA D 24 -29.09 -13.34 3.79
CA ALA D 24 -28.91 -11.86 3.77
C ALA D 24 -27.43 -11.51 3.54
N GLN D 25 -26.53 -12.28 4.15
CA GLN D 25 -25.05 -12.11 3.99
C GLN D 25 -24.72 -12.07 2.49
N PHE D 26 -25.12 -13.12 1.78
CA PHE D 26 -24.93 -13.25 0.31
C PHE D 26 -25.40 -11.99 -0.39
N GLU D 27 -26.65 -11.56 -0.12
CA GLU D 27 -27.29 -10.44 -0.88
C GLU D 27 -26.59 -9.12 -0.55
N ASN D 28 -26.40 -8.82 0.75
CA ASN D 28 -25.73 -7.59 1.25
C ASN D 28 -24.34 -7.45 0.61
N LEU D 29 -23.63 -8.57 0.52
CA LEU D 29 -22.26 -8.70 -0.05
C LEU D 29 -22.33 -8.37 -1.54
N LEU D 30 -23.25 -9.03 -2.25
CA LEU D 30 -23.43 -8.91 -3.71
C LEU D 30 -23.80 -7.46 -4.04
N ARG D 31 -24.62 -6.82 -3.19
CA ARG D 31 -25.17 -5.46 -3.39
C ARG D 31 -24.05 -4.41 -3.41
N ARG D 32 -22.98 -4.60 -2.63
CA ARG D 32 -21.82 -3.65 -2.58
C ARG D 32 -21.18 -3.51 -3.96
N TYR D 33 -21.45 -4.43 -4.90
CA TYR D 33 -20.83 -4.47 -6.25
C TYR D 33 -21.86 -4.16 -7.36
N LEU D 34 -23.08 -3.73 -7.00
CA LEU D 34 -24.19 -3.46 -7.96
C LEU D 34 -24.69 -2.02 -7.80
N PRO D 35 -23.88 -1.00 -8.16
CA PRO D 35 -24.22 0.41 -7.93
C PRO D 35 -25.37 0.98 -8.76
N PHE D 36 -25.90 0.25 -9.75
CA PHE D 36 -27.13 0.61 -10.49
C PHE D 36 -28.31 -0.21 -9.96
N LEU D 37 -28.30 -0.48 -8.65
CA LEU D 37 -29.42 -1.09 -7.89
C LEU D 37 -29.56 -0.38 -6.55
N SER D 38 -30.63 0.41 -6.38
CA SER D 38 -30.95 1.13 -5.12
C SER D 38 -31.22 0.11 -4.00
N ALA D 39 -31.01 0.53 -2.74
CA ALA D 39 -31.23 -0.28 -1.51
C ALA D 39 -32.70 -0.71 -1.38
N ASP D 40 -33.63 0.09 -1.90
CA ASP D 40 -35.10 -0.04 -1.62
C ASP D 40 -35.77 -0.93 -2.67
N GLN D 41 -35.01 -1.45 -3.63
CA GLN D 41 -35.49 -2.22 -4.80
C GLN D 41 -34.91 -3.62 -4.70
N PRO D 42 -35.73 -4.70 -4.67
CA PRO D 42 -35.23 -6.04 -4.41
C PRO D 42 -34.37 -6.62 -5.55
N LEU D 43 -33.50 -7.58 -5.21
CA LEU D 43 -32.57 -8.29 -6.14
C LEU D 43 -33.28 -9.54 -6.70
N GLU D 44 -33.54 -9.57 -8.01
CA GLU D 44 -34.31 -10.67 -8.67
C GLU D 44 -33.41 -11.87 -8.92
N GLN D 45 -33.98 -13.08 -8.79
CA GLN D 45 -33.30 -14.39 -8.95
C GLN D 45 -32.45 -14.43 -10.22
N ASP D 46 -32.89 -13.81 -11.32
CA ASP D 46 -32.11 -13.86 -12.59
C ASP D 46 -32.21 -12.52 -13.34
N ILE D 47 -32.03 -11.40 -12.64
CA ILE D 47 -31.58 -10.12 -13.26
C ILE D 47 -30.15 -10.30 -13.76
N ASN D 48 -29.76 -9.60 -14.83
CA ASN D 48 -28.39 -9.65 -15.38
C ASN D 48 -27.48 -8.73 -14.54
N LEU D 49 -26.56 -9.33 -13.76
CA LEU D 49 -25.69 -8.60 -12.80
C LEU D 49 -24.91 -7.50 -13.55
N ARG D 50 -24.54 -7.77 -14.80
CA ARG D 50 -23.87 -6.80 -15.71
C ARG D 50 -24.71 -5.52 -15.76
N ASP D 51 -26.02 -5.63 -16.01
CA ASP D 51 -26.91 -4.47 -16.24
C ASP D 51 -27.09 -3.63 -14.97
N ILE D 52 -26.90 -4.21 -13.77
CA ILE D 52 -27.02 -3.43 -12.49
C ILE D 52 -25.63 -3.10 -11.92
N GLY D 53 -24.57 -3.24 -12.73
CA GLY D 53 -23.30 -2.51 -12.56
C GLY D 53 -22.07 -3.40 -12.36
N LEU D 54 -22.23 -4.73 -12.29
CA LEU D 54 -21.09 -5.65 -12.05
C LEU D 54 -20.14 -5.55 -13.24
N ASP D 55 -18.97 -4.95 -13.03
CA ASP D 55 -17.88 -4.85 -14.03
C ASP D 55 -16.87 -5.96 -13.72
N SER D 56 -15.79 -6.04 -14.50
CA SER D 56 -14.78 -7.12 -14.41
C SER D 56 -13.98 -7.00 -13.11
N LEU D 57 -13.79 -5.78 -12.59
CA LEU D 57 -13.14 -5.50 -11.28
C LEU D 57 -14.03 -6.02 -10.15
N GLY D 58 -15.30 -5.60 -10.10
CA GLY D 58 -16.28 -6.05 -9.10
C GLY D 58 -16.41 -7.58 -9.05
N THR D 59 -16.39 -8.24 -10.22
CA THR D 59 -16.44 -9.72 -10.35
C THR D 59 -15.29 -10.38 -9.58
N VAL D 60 -14.06 -9.87 -9.73
CA VAL D 60 -12.85 -10.40 -9.02
C VAL D 60 -13.03 -10.20 -7.52
N GLU D 61 -13.31 -8.96 -7.12
CA GLU D 61 -13.53 -8.57 -5.70
C GLU D 61 -14.66 -9.43 -5.12
N LEU D 62 -15.75 -9.60 -5.86
CA LEU D 62 -16.94 -10.39 -5.42
C LEU D 62 -16.53 -11.84 -5.21
N LEU D 63 -15.80 -12.41 -6.17
CA LEU D 63 -15.31 -13.80 -6.07
C LEU D 63 -14.50 -13.94 -4.79
N SER D 64 -13.54 -13.03 -4.59
CA SER D 64 -12.64 -13.00 -3.41
C SER D 64 -13.50 -12.93 -2.15
N GLU D 65 -14.47 -12.02 -2.12
CA GLU D 65 -15.29 -11.81 -0.89
C GLU D 65 -16.10 -13.08 -0.58
N LEU D 66 -16.70 -13.71 -1.59
CA LEU D 66 -17.53 -14.93 -1.38
C LEU D 66 -16.66 -16.04 -0.80
N GLU D 67 -15.46 -16.25 -1.34
CA GLU D 67 -14.51 -17.31 -0.88
C GLU D 67 -14.11 -17.06 0.58
N ASN D 68 -13.85 -15.80 0.94
CA ASN D 68 -13.42 -15.42 2.30
C ASN D 68 -14.60 -15.52 3.27
N THR D 69 -15.79 -15.06 2.88
CA THR D 69 -16.99 -15.00 3.78
C THR D 69 -17.53 -16.41 4.00
N TYR D 70 -17.50 -17.29 3.00
CA TYR D 70 -18.12 -18.65 3.06
C TYR D 70 -17.06 -19.73 3.25
N ASP D 71 -15.78 -19.34 3.36
CA ASP D 71 -14.65 -20.29 3.54
C ASP D 71 -14.74 -21.41 2.48
N VAL D 72 -14.80 -21.06 1.19
CA VAL D 72 -14.82 -22.00 0.04
C VAL D 72 -13.82 -21.54 -1.01
N HIS D 73 -13.51 -22.41 -1.96
CA HIS D 73 -12.62 -22.10 -3.11
C HIS D 73 -13.30 -22.52 -4.40
N PHE D 74 -13.59 -21.57 -5.29
CA PHE D 74 -14.14 -21.81 -6.64
C PHE D 74 -13.02 -22.36 -7.53
N GLN D 75 -13.10 -23.65 -7.90
CA GLN D 75 -12.19 -24.25 -8.90
C GLN D 75 -12.50 -23.68 -10.28
N ASP D 76 -11.50 -23.60 -11.16
CA ASP D 76 -11.61 -23.05 -12.54
C ASP D 76 -12.69 -23.82 -13.33
N GLU D 77 -12.95 -25.09 -12.96
CA GLU D 77 -14.09 -25.94 -13.43
C GLU D 77 -15.42 -25.20 -13.28
N ALA D 78 -15.71 -24.74 -12.06
CA ALA D 78 -17.03 -24.18 -11.65
C ALA D 78 -17.15 -22.72 -12.09
N LEU D 79 -16.11 -22.12 -12.68
CA LEU D 79 -16.11 -20.68 -13.06
C LEU D 79 -16.35 -20.55 -14.56
N THR D 80 -17.54 -20.94 -15.03
CA THR D 80 -17.98 -20.73 -16.44
C THR D 80 -18.19 -19.23 -16.67
N LYS D 81 -18.59 -18.85 -17.89
CA LYS D 81 -18.90 -17.44 -18.22
C LYS D 81 -20.29 -17.08 -17.64
N GLU D 82 -21.07 -18.09 -17.20
CA GLU D 82 -22.47 -17.98 -16.69
C GLU D 82 -22.52 -17.75 -15.16
N THR D 83 -21.52 -18.24 -14.43
CA THR D 83 -21.43 -18.24 -12.94
C THR D 83 -21.88 -16.89 -12.34
N PHE D 84 -21.43 -15.76 -12.92
CA PHE D 84 -21.67 -14.38 -12.42
C PHE D 84 -22.58 -13.60 -13.39
N GLU D 85 -23.45 -14.32 -14.12
CA GLU D 85 -24.46 -13.72 -15.02
C GLU D 85 -25.64 -13.24 -14.17
N THR D 86 -26.13 -14.12 -13.30
CA THR D 86 -27.36 -13.90 -12.49
C THR D 86 -27.10 -14.32 -11.05
N PRO D 87 -27.78 -13.68 -10.08
CA PRO D 87 -27.72 -14.07 -8.67
C PRO D 87 -28.06 -15.53 -8.39
N GLY D 88 -29.09 -16.05 -9.06
CA GLY D 88 -29.62 -17.41 -8.85
C GLY D 88 -28.59 -18.48 -9.19
N VAL D 89 -27.83 -18.29 -10.27
CA VAL D 89 -26.75 -19.23 -10.71
C VAL D 89 -25.59 -19.12 -9.70
N LEU D 90 -25.17 -17.90 -9.38
CA LEU D 90 -24.06 -17.66 -8.42
C LEU D 90 -24.37 -18.40 -7.11
N TRP D 91 -25.58 -18.19 -6.56
CA TRP D 91 -26.04 -18.79 -5.27
C TRP D 91 -26.12 -20.31 -5.40
N LYS D 92 -26.63 -20.81 -6.53
CA LYS D 92 -26.68 -22.28 -6.80
C LYS D 92 -25.25 -22.83 -6.75
N THR D 93 -24.33 -22.23 -7.53
CA THR D 93 -22.89 -22.58 -7.59
C THR D 93 -22.29 -22.57 -6.18
N LEU D 94 -22.54 -21.51 -5.41
CA LEU D 94 -21.92 -21.26 -4.08
C LEU D 94 -22.41 -22.31 -3.08
N SER D 95 -23.74 -22.46 -2.90
CA SER D 95 -24.37 -23.36 -1.91
C SER D 95 -24.08 -24.83 -2.25
N GLN D 96 -23.72 -25.13 -3.51
CA GLN D 96 -23.18 -26.46 -3.94
C GLN D 96 -21.83 -26.73 -3.24
N MET D 97 -21.31 -25.81 -2.42
CA MET D 97 -20.02 -25.96 -1.68
C MET D 97 -20.22 -25.74 -0.16
N VAL D 98 -21.45 -25.62 0.33
CA VAL D 98 -21.77 -25.53 1.79
C VAL D 98 -23.04 -26.37 2.07
#